data_3TK7
#
_entry.id   3TK7
#
_cell.length_a   56.123
_cell.length_b   74.257
_cell.length_c   164.995
_cell.angle_alpha   90.00
_cell.angle_beta   90.00
_cell.angle_gamma   90.00
#
_symmetry.space_group_name_H-M   'P 21 21 21'
#
loop_
_entity.id
_entity.type
_entity.pdbx_description
1 polymer Transaldolase
2 non-polymer 'FRUCTOSE -6-PHOSPHATE'
3 water water
#
_entity_poly.entity_id   1
_entity_poly.type   'polypeptide(L)'
_entity_poly.pdbx_seq_one_letter_code
;MHHHHHHSSGVDLGTENLYFQSNAMQKSVLEQLKQVTMVVADTGDFELIKKYKPVDATTNPSLILKAVKEQKYSNLVAET
ISKVKANNPDLNSDDLVKEIAIEILVSFGIKILDVIEGKVSSEVDARVSFNSATTIDYAKRIIARYESNGIPKDRVLIKI
AATWEGIKAAKLLQKEGINCNLTLIFDKAQAKACAEAGVYLVSPFVGRITDWQMQQNNLKTFPAIADDDGVNSVKAIYKL
YKSHGFKTIVMGASFRNVEQVIALAGCDALTISPVLLEELKNRDEHLEVKLTKNDDVVTQSPQISEADFRWLMNENAMAT
HKLAEGIRLFTKDTIELENIIKQNL
;
_entity_poly.pdbx_strand_id   A,B
#
loop_
_chem_comp.id
_chem_comp.type
_chem_comp.name
_chem_comp.formula
F6R non-polymer 'FRUCTOSE -6-PHOSPHATE' 'C6 H13 O9 P'
#
# COMPACT_ATOMS: atom_id res chain seq x y z
N GLN A 26 9.93 39.78 22.48
CA GLN A 26 8.65 40.54 22.46
C GLN A 26 7.78 40.17 21.26
N LYS A 27 8.40 39.91 20.11
CA LYS A 27 7.66 39.53 18.91
C LYS A 27 7.00 38.18 19.11
N SER A 28 5.84 37.98 18.49
CA SER A 28 5.15 36.71 18.61
C SER A 28 5.94 35.63 17.91
N VAL A 29 5.72 34.37 18.32
CA VAL A 29 6.40 33.26 17.67
C VAL A 29 6.01 33.22 16.20
N LEU A 30 4.76 33.57 15.91
CA LEU A 30 4.28 33.62 14.51
C LEU A 30 5.11 34.57 13.68
N GLU A 31 5.32 35.80 14.16
CA GLU A 31 6.07 36.77 13.37
CA GLU A 31 6.09 36.80 13.41
C GLU A 31 7.52 36.36 13.21
N GLN A 32 8.10 35.73 14.23
CA GLN A 32 9.46 35.26 14.14
C GLN A 32 9.58 34.12 13.12
N LEU A 33 8.64 33.19 13.16
CA LEU A 33 8.64 32.05 12.26
C LEU A 33 8.61 32.52 10.81
N LYS A 34 7.84 33.59 10.57
CA LYS A 34 7.69 34.14 9.22
C LYS A 34 9.00 34.62 8.58
N GLN A 35 9.97 34.98 9.40
N GLN A 35 9.97 35.01 9.40
CA GLN A 35 11.24 35.48 8.90
CA GLN A 35 11.25 35.50 8.88
C GLN A 35 12.16 34.36 8.44
C GLN A 35 12.22 34.37 8.51
N VAL A 36 11.92 33.14 8.92
CA VAL A 36 12.78 31.99 8.59
C VAL A 36 12.08 30.85 7.83
N THR A 37 10.77 30.92 7.76
CA THR A 37 9.96 29.90 7.13
C THR A 37 8.76 30.50 6.41
N MET A 38 8.42 29.98 5.24
CA MET A 38 7.21 30.47 4.56
C MET A 38 5.99 29.95 5.34
N VAL A 39 5.25 30.84 5.98
CA VAL A 39 4.06 30.44 6.74
C VAL A 39 2.85 30.30 5.80
N VAL A 40 2.21 29.13 5.88
CA VAL A 40 1.06 28.76 5.05
C VAL A 40 -0.12 28.36 5.96
N ALA A 41 -1.32 28.83 5.62
CA ALA A 41 -2.52 28.53 6.41
C ALA A 41 -3.21 27.29 5.84
N ASP A 42 -3.56 26.34 6.72
CA ASP A 42 -4.16 25.07 6.33
C ASP A 42 -5.65 25.14 6.67
N THR A 43 -6.48 25.57 5.72
CA THR A 43 -7.91 25.69 5.93
C THR A 43 -8.65 26.01 4.65
N GLY A 44 -9.93 25.67 4.62
CA GLY A 44 -10.82 26.02 3.52
C GLY A 44 -11.67 27.22 3.90
N ASP A 45 -11.55 27.67 5.15
CA ASP A 45 -12.36 28.82 5.62
C ASP A 45 -11.52 30.08 5.55
N PHE A 46 -11.70 30.79 4.45
CA PHE A 46 -10.94 31.99 4.17
CA PHE A 46 -10.94 32.01 4.15
C PHE A 46 -11.08 33.10 5.21
N GLU A 47 -12.18 33.11 5.93
CA GLU A 47 -12.40 34.15 6.94
C GLU A 47 -11.42 34.09 8.11
N LEU A 48 -10.85 32.92 8.36
CA LEU A 48 -9.89 32.75 9.45
CA LEU A 48 -9.89 32.76 9.45
C LEU A 48 -8.45 33.07 9.02
N ILE A 49 -8.22 33.20 7.72
CA ILE A 49 -6.87 33.43 7.19
C ILE A 49 -6.26 34.83 7.32
N LYS A 50 -7.01 35.85 6.93
CA LYS A 50 -6.43 37.19 6.86
C LYS A 50 -5.69 37.65 8.10
N LYS A 51 -6.28 37.46 9.29
CA LYS A 51 -5.64 37.89 10.53
C LYS A 51 -4.26 37.28 10.82
N TYR A 52 -3.91 36.17 10.16
CA TYR A 52 -2.59 35.55 10.37
C TYR A 52 -1.59 35.95 9.28
N LYS A 53 -2.10 36.56 8.21
CA LYS A 53 -1.27 36.99 7.10
C LYS A 53 -0.27 35.95 6.64
N PRO A 54 -0.75 34.75 6.28
CA PRO A 54 0.14 33.74 5.74
C PRO A 54 0.52 34.11 4.30
N VAL A 55 1.58 33.52 3.78
CA VAL A 55 1.98 33.77 2.39
C VAL A 55 1.06 32.97 1.47
N ASP A 56 1.04 31.65 1.66
CA ASP A 56 0.22 30.72 0.86
C ASP A 56 -0.86 30.08 1.74
N ALA A 57 -1.74 29.28 1.13
CA ALA A 57 -2.73 28.50 1.90
C ALA A 57 -2.92 27.15 1.23
N THR A 58 -3.33 26.17 2.02
CA THR A 58 -3.59 24.83 1.52
C THR A 58 -4.99 24.37 1.91
N THR A 59 -5.66 23.68 0.99
CA THR A 59 -6.92 23.04 1.28
C THR A 59 -6.70 21.57 0.98
N ASN A 60 -7.61 20.74 1.43
CA ASN A 60 -7.60 19.32 1.09
C ASN A 60 -9.08 18.90 1.10
N PRO A 61 -9.40 17.68 0.65
CA PRO A 61 -10.82 17.32 0.57
C PRO A 61 -11.58 17.34 1.91
N SER A 62 -10.90 17.05 3.01
CA SER A 62 -11.56 17.08 4.32
C SER A 62 -11.84 18.52 4.77
N LEU A 63 -10.91 19.43 4.45
CA LEU A 63 -11.06 20.85 4.79
C LEU A 63 -12.15 21.51 3.95
N ILE A 64 -12.29 21.09 2.69
CA ILE A 64 -13.36 21.62 1.83
C ILE A 64 -14.72 21.11 2.37
N LEU A 65 -14.80 19.82 2.70
CA LEU A 65 -16.06 19.30 3.26
C LEU A 65 -16.42 20.07 4.54
N LYS A 66 -15.45 20.24 5.43
CA LYS A 66 -15.69 20.97 6.67
C LYS A 66 -16.28 22.36 6.36
N ALA A 67 -15.65 23.08 5.45
CA ALA A 67 -16.10 24.42 5.09
C ALA A 67 -17.53 24.40 4.54
N VAL A 68 -17.79 23.49 3.62
CA VAL A 68 -19.11 23.33 2.99
C VAL A 68 -20.22 23.16 4.02
N LYS A 69 -19.93 22.47 5.12
CA LYS A 69 -20.92 22.23 6.17
C LYS A 69 -21.04 23.36 7.20
N GLU A 70 -20.22 24.41 7.07
CA GLU A 70 -20.33 25.56 7.98
C GLU A 70 -21.52 26.40 7.51
N GLN A 71 -22.39 26.75 8.45
CA GLN A 71 -23.61 27.50 8.12
C GLN A 71 -23.32 28.81 7.39
N LYS A 72 -22.20 29.46 7.72
CA LYS A 72 -21.86 30.72 7.09
C LYS A 72 -21.66 30.61 5.57
N TYR A 73 -21.37 29.40 5.07
CA TYR A 73 -21.21 29.18 3.63
C TYR A 73 -22.38 28.46 2.98
N SER A 74 -23.51 28.37 3.68
CA SER A 74 -24.68 27.67 3.13
C SER A 74 -25.05 28.21 1.73
N ASN A 75 -25.10 29.53 1.61
CA ASN A 75 -25.49 30.16 0.35
C ASN A 75 -24.48 29.96 -0.79
N LEU A 76 -23.20 30.21 -0.52
CA LEU A 76 -22.13 30.02 -1.52
C LEU A 76 -22.20 28.65 -2.20
N VAL A 77 -22.65 27.64 -1.45
CA VAL A 77 -22.82 26.29 -2.00
C VAL A 77 -24.03 26.19 -2.92
N ALA A 78 -25.16 26.74 -2.48
CA ALA A 78 -26.39 26.75 -3.30
C ALA A 78 -26.22 27.57 -4.58
N GLU A 79 -25.41 28.62 -4.48
CA GLU A 79 -25.10 29.52 -5.59
C GLU A 79 -24.30 28.75 -6.65
N THR A 80 -23.31 27.98 -6.20
CA THR A 80 -22.46 27.21 -7.09
C THR A 80 -23.29 26.16 -7.80
N ILE A 81 -24.22 25.54 -7.07
CA ILE A 81 -25.11 24.53 -7.63
C ILE A 81 -25.98 25.15 -8.73
N SER A 82 -26.49 26.36 -8.49
CA SER A 82 -27.32 27.05 -9.48
C SER A 82 -26.55 27.54 -10.69
N LYS A 83 -25.37 28.10 -10.46
CA LYS A 83 -24.54 28.61 -11.54
C LYS A 83 -24.13 27.47 -12.49
N VAL A 84 -23.52 26.44 -11.94
CA VAL A 84 -23.07 25.31 -12.73
C VAL A 84 -24.26 24.65 -13.42
N LYS A 85 -25.34 24.46 -12.68
CA LYS A 85 -26.56 23.82 -13.19
C LYS A 85 -27.20 24.61 -14.32
N ALA A 86 -27.11 25.93 -14.26
CA ALA A 86 -27.68 26.79 -15.29
C ALA A 86 -26.78 26.88 -16.53
N ASN A 87 -25.47 26.80 -16.32
CA ASN A 87 -24.49 26.89 -17.42
C ASN A 87 -24.22 25.54 -18.10
N ASN A 88 -24.81 24.47 -17.57
CA ASN A 88 -24.61 23.13 -18.13
C ASN A 88 -25.92 22.35 -18.15
N PRO A 89 -26.94 22.88 -18.83
CA PRO A 89 -28.25 22.23 -18.85
C PRO A 89 -28.25 20.85 -19.53
N ASP A 90 -27.24 20.56 -20.34
CA ASP A 90 -27.16 19.30 -21.08
C ASP A 90 -26.30 18.18 -20.43
N LEU A 91 -25.71 18.43 -19.28
CA LEU A 91 -24.91 17.39 -18.63
C LEU A 91 -25.79 16.35 -17.94
N ASN A 92 -25.44 15.08 -18.09
CA ASN A 92 -26.17 14.02 -17.39
C ASN A 92 -25.94 14.26 -15.90
N SER A 93 -26.81 13.72 -15.06
CA SER A 93 -26.76 14.02 -13.62
C SER A 93 -25.43 13.73 -12.93
N ASP A 94 -24.76 12.63 -13.30
CA ASP A 94 -23.46 12.28 -12.70
C ASP A 94 -22.37 13.31 -13.06
N ASP A 95 -22.33 13.72 -14.32
CA ASP A 95 -21.38 14.74 -14.79
C ASP A 95 -21.65 16.11 -14.15
N LEU A 96 -22.93 16.42 -13.90
CA LEU A 96 -23.28 17.69 -13.28
C LEU A 96 -22.71 17.75 -11.85
N VAL A 97 -22.83 16.64 -11.13
CA VAL A 97 -22.32 16.56 -9.76
C VAL A 97 -20.81 16.72 -9.74
N LYS A 98 -20.10 16.07 -10.66
CA LYS A 98 -18.63 16.19 -10.73
C LYS A 98 -18.23 17.63 -10.99
N GLU A 99 -18.98 18.28 -11.87
CA GLU A 99 -18.71 19.65 -12.26
C GLU A 99 -18.92 20.59 -11.08
N ILE A 100 -20.02 20.39 -10.38
CA ILE A 100 -20.34 21.20 -9.21
C ILE A 100 -19.26 21.02 -8.13
N ALA A 101 -18.81 19.79 -7.91
CA ALA A 101 -17.79 19.51 -6.90
C ALA A 101 -16.46 20.24 -7.19
N ILE A 102 -16.07 20.29 -8.46
CA ILE A 102 -14.85 20.97 -8.83
C ILE A 102 -15.02 22.49 -8.72
N GLU A 103 -16.21 23.00 -9.05
CA GLU A 103 -16.44 24.45 -8.93
C GLU A 103 -16.44 24.86 -7.46
N ILE A 104 -16.96 24.02 -6.57
CA ILE A 104 -16.94 24.31 -5.13
CA ILE A 104 -16.94 24.30 -5.12
C ILE A 104 -15.49 24.41 -4.63
N LEU A 105 -14.69 23.41 -4.99
CA LEU A 105 -13.28 23.38 -4.63
C LEU A 105 -12.59 24.66 -5.07
N VAL A 106 -12.82 25.04 -6.32
CA VAL A 106 -12.23 26.25 -6.89
C VAL A 106 -12.81 27.52 -6.25
N SER A 107 -14.11 27.53 -5.94
CA SER A 107 -14.74 28.70 -5.30
C SER A 107 -14.09 29.01 -3.95
N PHE A 108 -13.88 27.98 -3.12
CA PHE A 108 -13.20 28.19 -1.85
C PHE A 108 -11.76 28.68 -2.06
N GLY A 109 -11.07 28.12 -3.05
CA GLY A 109 -9.70 28.55 -3.37
C GLY A 109 -9.64 30.03 -3.78
N ILE A 110 -10.63 30.46 -4.58
CA ILE A 110 -10.70 31.85 -5.02
C ILE A 110 -10.94 32.81 -3.86
N LYS A 111 -11.78 32.42 -2.91
CA LYS A 111 -12.07 33.23 -1.73
CA LYS A 111 -12.06 33.26 -1.76
C LYS A 111 -10.82 33.37 -0.88
N ILE A 112 -10.01 32.32 -0.87
CA ILE A 112 -8.74 32.29 -0.13
C ILE A 112 -7.73 33.21 -0.84
N LEU A 113 -7.66 33.09 -2.16
CA LEU A 113 -6.73 33.90 -2.93
C LEU A 113 -7.03 35.39 -2.79
N ASP A 114 -8.28 35.73 -2.51
N ASP A 114 -8.28 35.71 -2.48
CA ASP A 114 -8.67 37.14 -2.33
CA ASP A 114 -8.72 37.08 -2.31
C ASP A 114 -8.01 37.77 -1.10
C ASP A 114 -8.06 37.75 -1.09
N VAL A 115 -7.68 36.95 -0.10
CA VAL A 115 -7.11 37.46 1.15
C VAL A 115 -5.64 37.14 1.44
N ILE A 116 -4.93 36.58 0.47
CA ILE A 116 -3.51 36.32 0.61
C ILE A 116 -2.80 36.82 -0.65
N GLU A 117 -1.48 36.92 -0.60
CA GLU A 117 -0.64 37.37 -1.71
CA GLU A 117 -0.74 37.36 -1.77
C GLU A 117 -0.07 36.21 -2.51
N GLY A 118 -0.04 35.03 -1.90
CA GLY A 118 0.55 33.88 -2.53
C GLY A 118 -0.38 32.92 -3.24
N LYS A 119 -0.05 31.63 -3.10
CA LYS A 119 -0.72 30.55 -3.78
C LYS A 119 -1.64 29.75 -2.89
N VAL A 120 -2.60 29.08 -3.52
CA VAL A 120 -3.47 28.17 -2.81
C VAL A 120 -3.35 26.78 -3.43
N SER A 121 -3.36 25.75 -2.57
CA SER A 121 -3.33 24.37 -3.03
C SER A 121 -4.75 23.79 -3.08
N SER A 122 -5.12 23.19 -4.23
CA SER A 122 -6.42 22.53 -4.43
C SER A 122 -6.14 21.08 -4.86
N GLU A 123 -6.79 20.13 -4.19
CA GLU A 123 -6.46 18.71 -4.38
C GLU A 123 -7.36 18.01 -5.38
N VAL A 124 -6.75 17.18 -6.23
CA VAL A 124 -7.51 16.40 -7.21
C VAL A 124 -8.36 15.38 -6.46
N ASP A 125 -9.42 14.92 -7.12
CA ASP A 125 -10.31 13.93 -6.58
C ASP A 125 -9.48 12.69 -6.23
N ALA A 126 -9.52 12.28 -4.95
CA ALA A 126 -8.71 11.15 -4.49
C ALA A 126 -8.92 9.85 -5.25
N ARG A 127 -10.06 9.73 -5.92
CA ARG A 127 -10.37 8.52 -6.68
C ARG A 127 -9.48 8.28 -7.89
N VAL A 128 -8.75 9.31 -8.34
CA VAL A 128 -7.86 9.14 -9.50
C VAL A 128 -6.41 8.89 -9.05
N SER A 129 -6.22 8.64 -7.75
CA SER A 129 -4.88 8.49 -7.17
C SER A 129 -3.95 7.41 -7.78
N PHE A 130 -4.53 6.40 -8.44
CA PHE A 130 -3.75 5.32 -9.05
C PHE A 130 -3.86 5.32 -10.57
N ASN A 131 -4.15 6.48 -11.13
CA ASN A 131 -4.27 6.63 -12.57
C ASN A 131 -3.63 7.96 -12.97
N SER A 132 -2.44 7.89 -13.54
CA SER A 132 -1.71 9.09 -13.93
C SER A 132 -2.43 9.92 -14.98
N ALA A 133 -2.99 9.25 -16.00
CA ALA A 133 -3.72 9.95 -17.06
C ALA A 133 -4.91 10.74 -16.52
N THR A 134 -5.75 10.13 -15.69
CA THR A 134 -6.93 10.83 -15.17
C THR A 134 -6.56 11.84 -14.05
N THR A 135 -5.41 11.66 -13.42
CA THR A 135 -4.91 12.64 -12.45
C THR A 135 -4.53 13.90 -13.24
N ILE A 136 -3.81 13.71 -14.34
CA ILE A 136 -3.43 14.80 -15.23
C ILE A 136 -4.71 15.52 -15.72
N ASP A 137 -5.69 14.76 -16.22
CA ASP A 137 -6.95 15.36 -16.67
C ASP A 137 -7.62 16.21 -15.58
N TYR A 138 -7.71 15.65 -14.36
CA TYR A 138 -8.40 16.36 -13.28
C TYR A 138 -7.63 17.64 -12.91
N ALA A 139 -6.31 17.52 -12.83
CA ALA A 139 -5.44 18.65 -12.55
C ALA A 139 -5.71 19.80 -13.52
N LYS A 140 -5.78 19.48 -14.81
CA LYS A 140 -6.01 20.47 -15.86
C LYS A 140 -7.42 21.08 -15.77
N ARG A 141 -8.40 20.27 -15.38
N ARG A 141 -8.38 20.27 -15.33
CA ARG A 141 -9.77 20.78 -15.20
CA ARG A 141 -9.75 20.72 -15.16
C ARG A 141 -9.78 21.80 -14.06
C ARG A 141 -9.76 21.79 -14.06
N ILE A 142 -8.98 21.56 -13.01
CA ILE A 142 -8.90 22.51 -11.90
C ILE A 142 -8.29 23.81 -12.41
N ILE A 143 -7.19 23.70 -13.16
CA ILE A 143 -6.56 24.90 -13.72
C ILE A 143 -7.53 25.64 -14.65
N ALA A 144 -8.28 24.90 -15.47
CA ALA A 144 -9.24 25.51 -16.40
C ALA A 144 -10.32 26.31 -15.66
N ARG A 145 -10.84 25.77 -14.55
N ARG A 145 -10.82 25.77 -14.55
CA ARG A 145 -11.88 26.49 -13.79
CA ARG A 145 -11.86 26.44 -13.76
C ARG A 145 -11.34 27.76 -13.12
C ARG A 145 -11.34 27.74 -13.13
N TYR A 146 -10.11 27.71 -12.62
CA TYR A 146 -9.49 28.89 -12.04
C TYR A 146 -9.30 29.96 -13.13
N GLU A 147 -8.84 29.53 -14.31
CA GLU A 147 -8.62 30.43 -15.44
C GLU A 147 -9.94 31.06 -15.91
N SER A 148 -11.00 30.27 -15.95
N SER A 148 -11.01 30.28 -15.95
CA SER A 148 -12.32 30.77 -16.36
CA SER A 148 -12.31 30.80 -16.38
C SER A 148 -12.83 31.82 -15.38
C SER A 148 -12.85 31.82 -15.39
N ASN A 149 -12.35 31.76 -14.15
CA ASN A 149 -12.72 32.71 -13.11
C ASN A 149 -11.75 33.90 -13.01
N GLY A 150 -10.83 34.02 -13.96
CA GLY A 150 -9.91 35.13 -13.99
C GLY A 150 -8.71 35.06 -13.05
N ILE A 151 -8.46 33.88 -12.50
CA ILE A 151 -7.33 33.70 -11.60
C ILE A 151 -6.12 33.26 -12.40
N PRO A 152 -4.98 33.96 -12.22
CA PRO A 152 -3.73 33.58 -12.89
C PRO A 152 -3.30 32.18 -12.47
N LYS A 153 -2.91 31.34 -13.42
CA LYS A 153 -2.57 29.97 -13.04
C LYS A 153 -1.38 29.82 -12.06
N ASP A 154 -0.48 30.81 -12.04
N ASP A 154 -0.49 30.81 -12.03
CA ASP A 154 0.68 30.77 -11.14
CA ASP A 154 0.67 30.76 -11.14
C ASP A 154 0.29 30.85 -9.66
C ASP A 154 0.27 30.81 -9.66
N ARG A 155 -0.96 31.21 -9.37
CA ARG A 155 -1.44 31.31 -8.01
C ARG A 155 -1.99 29.99 -7.48
N VAL A 156 -1.95 28.93 -8.29
CA VAL A 156 -2.52 27.65 -7.89
C VAL A 156 -1.49 26.55 -7.88
N LEU A 157 -1.60 25.69 -6.85
CA LEU A 157 -0.84 24.47 -6.77
C LEU A 157 -1.87 23.33 -6.76
N ILE A 158 -1.64 22.32 -7.60
CA ILE A 158 -2.51 21.15 -7.65
C ILE A 158 -1.96 20.13 -6.68
N LYS A 159 -2.78 19.72 -5.73
CA LYS A 159 -2.35 18.78 -4.69
C LYS A 159 -2.65 17.37 -5.19
N ILE A 160 -1.67 16.49 -5.07
CA ILE A 160 -1.76 15.14 -5.61
C ILE A 160 -1.14 14.14 -4.63
N ALA A 161 -1.85 13.05 -4.37
CA ALA A 161 -1.32 12.04 -3.45
C ALA A 161 -0.06 11.42 -4.04
N ALA A 162 0.99 11.35 -3.24
CA ALA A 162 2.28 10.81 -3.70
C ALA A 162 2.35 9.28 -3.82
N THR A 163 1.43 8.72 -4.59
CA THR A 163 1.54 7.32 -4.95
C THR A 163 2.49 7.37 -6.15
N TRP A 164 2.96 6.23 -6.61
CA TRP A 164 3.83 6.24 -7.81
C TRP A 164 3.13 6.92 -8.97
N GLU A 165 1.84 6.62 -9.13
CA GLU A 165 1.06 7.20 -10.24
C GLU A 165 0.91 8.70 -10.10
N GLY A 166 0.68 9.19 -8.89
CA GLY A 166 0.58 10.63 -8.64
C GLY A 166 1.88 11.37 -8.94
N ILE A 167 3.00 10.75 -8.58
CA ILE A 167 4.32 11.34 -8.86
C ILE A 167 4.58 11.38 -10.36
N LYS A 168 4.20 10.32 -11.06
CA LYS A 168 4.32 10.21 -12.49
C LYS A 168 3.49 11.31 -13.18
N ALA A 169 2.29 11.58 -12.65
CA ALA A 169 1.43 12.63 -13.21
C ALA A 169 2.06 14.00 -12.99
N ALA A 170 2.56 14.24 -11.78
CA ALA A 170 3.21 15.50 -11.43
C ALA A 170 4.41 15.74 -12.35
N LYS A 171 5.14 14.67 -12.69
CA LYS A 171 6.29 14.80 -13.58
C LYS A 171 5.83 15.41 -14.92
N LEU A 172 4.75 14.88 -15.50
CA LEU A 172 4.21 15.43 -16.76
C LEU A 172 3.67 16.86 -16.55
N LEU A 173 2.94 17.07 -15.46
CA LEU A 173 2.37 18.40 -15.19
C LEU A 173 3.43 19.49 -15.12
N GLN A 174 4.51 19.22 -14.38
CA GLN A 174 5.61 20.16 -14.21
C GLN A 174 6.29 20.45 -15.53
N LYS A 175 6.42 19.44 -16.41
CA LYS A 175 7.04 19.65 -17.71
C LYS A 175 6.18 20.59 -18.54
N GLU A 176 4.88 20.61 -18.27
CA GLU A 176 3.96 21.50 -18.94
C GLU A 176 3.71 22.80 -18.17
N GLY A 177 4.53 23.08 -17.15
CA GLY A 177 4.42 24.35 -16.40
C GLY A 177 3.33 24.45 -15.35
N ILE A 178 2.75 23.32 -14.98
CA ILE A 178 1.73 23.28 -13.95
C ILE A 178 2.38 22.82 -12.64
N ASN A 179 2.42 23.74 -11.67
CA ASN A 179 3.04 23.43 -10.37
C ASN A 179 2.20 22.52 -9.52
N CYS A 180 2.86 21.55 -8.86
CA CYS A 180 2.17 20.58 -8.03
C CYS A 180 2.66 20.56 -6.58
N ASN A 181 1.76 20.14 -5.70
CA ASN A 181 2.01 19.96 -4.28
C ASN A 181 1.77 18.48 -4.03
N LEU A 182 2.84 17.72 -3.86
CA LEU A 182 2.72 16.28 -3.63
C LEU A 182 2.48 16.07 -2.15
N THR A 183 1.34 15.45 -1.84
CA THR A 183 0.89 15.27 -0.47
C THR A 183 0.85 13.79 -0.04
N LEU A 184 0.50 13.58 1.23
CA LEU A 184 0.46 12.24 1.84
C LEU A 184 1.80 11.57 1.73
N ILE A 185 2.84 12.33 2.08
CA ILE A 185 4.21 11.86 2.03
C ILE A 185 4.61 11.42 3.42
N PHE A 186 4.95 10.14 3.54
CA PHE A 186 5.26 9.51 4.82
C PHE A 186 6.60 8.79 4.88
N ASP A 187 7.35 8.80 3.77
CA ASP A 187 8.62 8.10 3.68
C ASP A 187 9.60 8.89 2.83
N LYS A 188 10.89 8.80 3.17
N LYS A 188 10.89 8.80 3.18
CA LYS A 188 11.93 9.52 2.42
CA LYS A 188 11.96 9.48 2.43
C LYS A 188 12.00 9.13 0.93
C LYS A 188 12.03 9.12 0.95
N ALA A 189 11.64 7.88 0.61
CA ALA A 189 11.67 7.40 -0.79
C ALA A 189 10.65 8.07 -1.65
N GLN A 190 9.46 8.34 -1.09
CA GLN A 190 8.46 9.13 -1.79
C GLN A 190 9.02 10.50 -2.03
N ALA A 191 9.57 11.09 -0.98
CA ALA A 191 10.14 12.42 -1.07
C ALA A 191 11.20 12.52 -2.17
N LYS A 192 12.11 11.55 -2.20
CA LYS A 192 13.16 11.55 -3.22
C LYS A 192 12.58 11.43 -4.63
N ALA A 193 11.60 10.54 -4.81
CA ALA A 193 10.98 10.36 -6.11
C ALA A 193 10.26 11.64 -6.55
N CYS A 194 9.61 12.34 -5.62
CA CYS A 194 8.95 13.61 -5.95
C CYS A 194 9.96 14.65 -6.41
N ALA A 195 11.08 14.74 -5.71
CA ALA A 195 12.13 15.70 -6.10
C ALA A 195 12.73 15.35 -7.45
N GLU A 196 12.83 14.06 -7.74
CA GLU A 196 13.41 13.60 -9.00
C GLU A 196 12.49 13.90 -10.18
N ALA A 197 11.20 14.06 -9.88
CA ALA A 197 10.19 14.38 -10.87
C ALA A 197 10.08 15.90 -11.10
N GLY A 198 10.90 16.67 -10.36
CA GLY A 198 10.92 18.12 -10.48
C GLY A 198 9.68 18.81 -9.97
N VAL A 199 9.08 18.25 -8.91
N VAL A 199 9.05 18.25 -8.92
CA VAL A 199 7.88 18.81 -8.32
CA VAL A 199 7.84 18.85 -8.39
C VAL A 199 8.16 20.13 -7.60
C VAL A 199 8.17 20.13 -7.64
N TYR A 200 7.25 21.09 -7.74
CA TYR A 200 7.41 22.40 -7.12
C TYR A 200 7.52 22.32 -5.61
N LEU A 201 6.65 21.51 -5.00
CA LEU A 201 6.60 21.42 -3.55
C LEU A 201 6.11 20.06 -3.05
N VAL A 202 6.65 19.64 -1.89
CA VAL A 202 6.22 18.40 -1.27
C VAL A 202 5.67 18.71 0.12
N SER A 203 4.68 17.93 0.56
CA SER A 203 4.07 18.09 1.86
C SER A 203 4.26 16.87 2.74
N PRO A 204 5.47 16.70 3.29
CA PRO A 204 5.66 15.59 4.20
C PRO A 204 4.83 15.82 5.46
N PHE A 205 4.11 14.79 5.90
CA PHE A 205 3.23 14.87 7.05
C PHE A 205 3.94 14.62 8.36
N VAL A 206 3.55 15.38 9.38
CA VAL A 206 4.09 15.19 10.69
C VAL A 206 3.07 14.47 11.57
N GLY A 207 1.90 15.09 11.69
CA GLY A 207 0.86 14.66 12.62
C GLY A 207 0.34 13.27 12.50
N ARG A 208 0.10 12.83 11.26
CA ARG A 208 -0.44 11.49 11.07
C ARG A 208 0.57 10.43 11.46
N ILE A 209 1.87 10.76 11.34
CA ILE A 209 2.90 9.83 11.75
C ILE A 209 2.90 9.76 13.28
N THR A 210 2.79 10.92 13.93
CA THR A 210 2.71 10.98 15.38
C THR A 210 1.46 10.23 15.86
N ASP A 211 0.36 10.32 15.09
CA ASP A 211 -0.90 9.60 15.38
C ASP A 211 -0.65 8.08 15.42
N TRP A 212 0.03 7.58 14.40
CA TRP A 212 0.39 6.15 14.31
C TRP A 212 1.26 5.73 15.46
N GLN A 213 2.28 6.53 15.74
CA GLN A 213 3.21 6.26 16.85
C GLN A 213 2.42 6.15 18.17
N MET A 214 1.51 7.08 18.41
CA MET A 214 0.70 7.05 19.64
C MET A 214 -0.28 5.87 19.70
N GLN A 215 -0.91 5.55 18.57
N GLN A 215 -0.91 5.54 18.57
CA GLN A 215 -1.84 4.41 18.49
CA GLN A 215 -1.84 4.41 18.51
C GLN A 215 -1.15 3.08 18.78
C GLN A 215 -1.14 3.08 18.81
N GLN A 216 0.01 2.87 18.17
CA GLN A 216 0.80 1.63 18.37
C GLN A 216 0.89 1.17 19.84
N ASN A 217 1.09 2.11 20.74
CA ASN A 217 1.22 1.79 22.15
C ASN A 217 0.24 2.51 23.07
N ASN A 218 -0.94 2.82 22.53
CA ASN A 218 -1.98 3.53 23.26
CA ASN A 218 -1.98 3.55 23.25
C ASN A 218 -1.42 4.68 24.11
N LEU A 219 -0.57 5.51 23.50
CA LEU A 219 0.02 6.63 24.19
C LEU A 219 -1.03 7.72 24.26
N LYS A 220 -1.17 8.34 25.42
CA LYS A 220 -2.15 9.43 25.56
C LYS A 220 -1.53 10.80 25.28
N THR A 221 -0.33 11.01 25.79
CA THR A 221 0.36 12.26 25.60
C THR A 221 1.26 12.17 24.39
N PHE A 222 1.55 13.33 23.80
CA PHE A 222 2.44 13.41 22.67
C PHE A 222 3.83 13.03 23.13
N PRO A 223 4.60 12.35 22.27
CA PRO A 223 5.96 12.03 22.68
C PRO A 223 6.79 13.30 22.79
N ALA A 224 7.92 13.24 23.47
CA ALA A 224 8.83 14.38 23.54
C ALA A 224 9.24 14.68 22.09
N ILE A 225 9.51 15.96 21.79
CA ILE A 225 9.87 16.37 20.42
C ILE A 225 10.99 15.57 19.77
N ALA A 226 12.04 15.26 20.54
CA ALA A 226 13.17 14.49 20.03
C ALA A 226 12.73 13.07 19.59
N ASP A 227 11.69 12.55 20.23
CA ASP A 227 11.19 11.20 19.94
C ASP A 227 9.94 11.20 19.06
N ASP A 228 9.58 12.35 18.50
CA ASP A 228 8.36 12.44 17.67
C ASP A 228 8.64 11.99 16.23
N ASP A 229 8.13 10.82 15.88
CA ASP A 229 8.38 10.22 14.56
C ASP A 229 8.04 11.16 13.39
N GLY A 230 6.97 11.92 13.53
CA GLY A 230 6.53 12.85 12.48
C GLY A 230 7.52 14.00 12.30
N VAL A 231 7.94 14.60 13.41
CA VAL A 231 8.91 15.68 13.36
C VAL A 231 10.21 15.16 12.76
N ASN A 232 10.66 13.99 13.19
CA ASN A 232 11.89 13.40 12.67
C ASN A 232 11.82 13.04 11.18
N SER A 233 10.63 12.71 10.71
CA SER A 233 10.45 12.39 9.29
C SER A 233 10.71 13.64 8.42
N VAL A 234 10.09 14.75 8.78
CA VAL A 234 10.31 16.01 8.07
C VAL A 234 11.79 16.43 8.19
N LYS A 235 12.38 16.32 9.38
CA LYS A 235 13.80 16.66 9.54
C LYS A 235 14.68 15.84 8.58
N ALA A 236 14.42 14.54 8.49
CA ALA A 236 15.18 13.65 7.60
C ALA A 236 14.99 14.01 6.11
N ILE A 237 13.77 14.35 5.72
CA ILE A 237 13.46 14.74 4.35
C ILE A 237 14.11 16.09 4.03
N TYR A 238 14.03 17.02 4.96
CA TYR A 238 14.69 18.30 4.77
C TYR A 238 16.20 18.07 4.53
N LYS A 239 16.82 17.29 5.39
CA LYS A 239 18.25 17.01 5.28
C LYS A 239 18.58 16.31 3.95
N LEU A 240 17.73 15.37 3.52
CA LEU A 240 17.91 14.66 2.25
CA LEU A 240 17.95 14.67 2.26
C LEU A 240 17.92 15.66 1.09
N TYR A 241 16.92 16.53 1.07
CA TYR A 241 16.78 17.53 0.01
C TYR A 241 17.97 18.49 -0.10
N LYS A 242 18.38 19.07 1.01
CA LYS A 242 19.46 20.04 0.97
C LYS A 242 20.84 19.41 0.62
N SER A 243 21.08 18.18 1.06
CA SER A 243 22.34 17.51 0.75
C SER A 243 22.41 17.02 -0.70
N HIS A 244 21.25 16.93 -1.38
CA HIS A 244 21.17 16.52 -2.78
C HIS A 244 20.92 17.67 -3.71
N GLY A 245 20.81 18.87 -3.16
CA GLY A 245 20.57 20.07 -3.95
C GLY A 245 19.23 20.14 -4.64
N PHE A 246 18.23 19.44 -4.11
CA PHE A 246 16.91 19.46 -4.70
C PHE A 246 16.27 20.81 -4.46
N LYS A 247 15.62 21.36 -5.47
CA LYS A 247 15.02 22.69 -5.37
C LYS A 247 13.56 22.65 -4.93
N THR A 248 12.97 21.46 -4.94
CA THR A 248 11.60 21.27 -4.49
C THR A 248 11.44 21.82 -3.08
N ILE A 249 10.37 22.59 -2.86
CA ILE A 249 10.12 23.19 -1.56
C ILE A 249 9.62 22.14 -0.59
N VAL A 250 10.21 22.12 0.60
CA VAL A 250 9.80 21.20 1.64
C VAL A 250 8.82 21.94 2.53
N MET A 251 7.59 21.48 2.55
CA MET A 251 6.57 22.10 3.37
C MET A 251 5.98 21.11 4.37
N GLY A 252 6.38 21.22 5.62
CA GLY A 252 5.82 20.35 6.64
C GLY A 252 4.33 20.61 6.74
N ALA A 253 3.55 19.53 6.91
CA ALA A 253 2.10 19.61 7.01
C ALA A 253 1.59 18.64 8.07
N SER A 254 0.30 18.77 8.41
CA SER A 254 -0.37 17.89 9.39
C SER A 254 0.24 18.08 10.78
N PHE A 255 -0.31 18.98 11.57
CA PHE A 255 0.22 19.22 12.91
C PHE A 255 -0.81 18.95 13.97
N ARG A 256 -0.32 18.50 15.13
CA ARG A 256 -1.18 18.20 16.27
C ARG A 256 -0.93 19.14 17.47
N ASN A 257 0.18 19.87 17.48
CA ASN A 257 0.48 20.78 18.59
C ASN A 257 1.52 21.80 18.13
N VAL A 258 1.58 22.96 18.81
CA VAL A 258 2.51 24.03 18.41
CA VAL A 258 2.49 24.04 18.42
C VAL A 258 3.96 23.66 18.57
N GLU A 259 4.29 22.78 19.51
CA GLU A 259 5.70 22.39 19.68
C GLU A 259 6.26 21.71 18.43
N GLN A 260 5.42 20.94 17.75
CA GLN A 260 5.83 20.28 16.50
C GLN A 260 6.17 21.32 15.43
N VAL A 261 5.39 22.39 15.37
CA VAL A 261 5.66 23.46 14.42
C VAL A 261 6.96 24.17 14.79
N ILE A 262 7.08 24.55 16.07
CA ILE A 262 8.27 25.26 16.57
C ILE A 262 9.56 24.45 16.35
N ALA A 263 9.46 23.12 16.45
CA ALA A 263 10.59 22.21 16.25
C ALA A 263 11.11 22.23 14.82
N LEU A 264 10.29 22.70 13.89
CA LEU A 264 10.66 22.71 12.47
C LEU A 264 10.93 24.12 11.93
N ALA A 265 11.12 25.08 12.83
CA ALA A 265 11.42 26.46 12.42
C ALA A 265 12.68 26.45 11.54
N GLY A 266 12.60 27.09 10.38
CA GLY A 266 13.70 27.12 9.43
C GLY A 266 13.37 26.27 8.21
N CYS A 267 12.35 25.42 8.32
CA CYS A 267 11.93 24.62 7.19
C CYS A 267 11.48 25.59 6.09
N ASP A 268 11.60 25.18 4.84
CA ASP A 268 11.24 26.05 3.71
C ASP A 268 9.85 26.64 3.93
N ALA A 269 8.91 25.78 4.31
CA ALA A 269 7.55 26.20 4.50
C ALA A 269 6.87 25.28 5.49
N LEU A 270 5.82 25.79 6.12
CA LEU A 270 5.03 24.99 7.04
C LEU A 270 3.58 25.40 6.89
N THR A 271 2.68 24.43 6.68
CA THR A 271 1.25 24.73 6.60
C THR A 271 0.60 24.34 7.92
N ILE A 272 -0.11 25.31 8.50
CA ILE A 272 -0.59 25.23 9.87
C ILE A 272 -2.06 25.61 10.00
N SER A 273 -2.80 24.89 10.83
CA SER A 273 -4.22 25.18 11.06
C SER A 273 -4.40 26.54 11.75
N PRO A 274 -5.55 27.19 11.53
CA PRO A 274 -5.82 28.44 12.22
C PRO A 274 -5.73 28.28 13.74
N VAL A 275 -6.14 27.12 14.26
CA VAL A 275 -6.05 26.84 15.68
C VAL A 275 -4.61 26.96 16.18
N LEU A 276 -3.67 26.38 15.44
CA LEU A 276 -2.26 26.44 15.84
C LEU A 276 -1.66 27.81 15.51
N LEU A 277 -2.11 28.43 14.43
CA LEU A 277 -1.63 29.77 14.08
C LEU A 277 -1.99 30.74 15.21
N GLU A 278 -3.19 30.59 15.78
CA GLU A 278 -3.64 31.43 16.88
C GLU A 278 -2.71 31.26 18.08
N GLU A 279 -2.31 30.03 18.37
CA GLU A 279 -1.38 29.78 19.46
C GLU A 279 -0.02 30.44 19.21
N LEU A 280 0.45 30.35 17.98
CA LEU A 280 1.73 30.98 17.61
C LEU A 280 1.67 32.52 17.67
N LYS A 281 0.51 33.06 17.36
CA LYS A 281 0.30 34.51 17.36
CA LYS A 281 0.30 34.50 17.36
C LYS A 281 0.28 35.06 18.77
N ASN A 282 -0.27 34.30 19.70
CA ASN A 282 -0.41 34.75 21.09
C ASN A 282 0.75 34.47 22.05
N ARG A 283 1.79 33.79 21.62
N ARG A 283 1.77 33.76 21.58
CA ARG A 283 2.90 33.59 22.55
CA ARG A 283 2.98 33.47 22.36
C ARG A 283 4.15 34.30 22.00
C ARG A 283 4.08 34.44 21.97
N ASP A 284 4.90 34.89 22.91
CA ASP A 284 6.04 35.75 22.52
C ASP A 284 7.41 35.34 23.03
N GLU A 285 7.65 34.03 23.19
N GLU A 285 7.64 34.04 23.12
CA GLU A 285 8.98 33.61 23.61
CA GLU A 285 8.93 33.54 23.55
C GLU A 285 9.84 33.64 22.36
C GLU A 285 9.84 33.63 22.33
N HIS A 286 11.15 33.64 22.55
CA HIS A 286 12.08 33.68 21.44
C HIS A 286 12.02 32.39 20.67
N LEU A 287 12.13 32.48 19.35
CA LEU A 287 12.10 31.30 18.49
C LEU A 287 13.50 30.99 17.96
N GLU A 288 13.97 29.77 18.21
CA GLU A 288 15.26 29.32 17.69
C GLU A 288 15.09 28.52 16.42
N VAL A 289 15.82 28.91 15.38
CA VAL A 289 15.75 28.21 14.09
C VAL A 289 16.42 26.85 14.28
N LYS A 290 15.80 25.79 13.76
CA LYS A 290 16.32 24.43 13.93
C LYS A 290 16.81 23.77 12.64
N LEU A 291 16.25 24.18 11.50
CA LEU A 291 16.60 23.63 10.20
C LEU A 291 17.26 24.73 9.38
N THR A 292 18.43 24.43 8.84
CA THR A 292 19.17 25.42 8.07
C THR A 292 19.78 24.82 6.82
N LYS A 293 19.99 25.67 5.82
CA LYS A 293 20.61 25.28 4.55
CA LYS A 293 20.61 25.26 4.55
C LYS A 293 22.12 25.25 4.75
N ASN A 294 22.86 24.78 3.75
CA ASN A 294 24.33 24.76 3.86
C ASN A 294 25.01 24.79 2.48
N ASP A 295 26.34 24.90 2.50
CA ASP A 295 27.15 24.95 1.29
C ASP A 295 27.96 23.66 1.08
N ASP A 296 27.46 22.53 1.58
CA ASP A 296 28.18 21.26 1.44
C ASP A 296 28.19 20.79 -0.01
N VAL A 297 29.15 19.93 -0.32
CA VAL A 297 29.24 19.34 -1.65
C VAL A 297 27.95 18.56 -1.90
N VAL A 298 27.36 18.75 -3.07
CA VAL A 298 26.10 18.11 -3.41
C VAL A 298 26.27 16.64 -3.82
N THR A 299 25.44 15.77 -3.23
CA THR A 299 25.46 14.35 -3.53
C THR A 299 24.54 14.07 -4.73
N GLN A 300 25.07 13.42 -5.76
CA GLN A 300 24.28 13.06 -6.94
C GLN A 300 24.05 11.55 -6.86
N SER A 301 22.81 11.14 -6.58
CA SER A 301 22.50 9.72 -6.44
CA SER A 301 22.46 9.73 -6.41
C SER A 301 21.67 9.21 -7.60
N PRO A 302 21.65 7.87 -7.80
CA PRO A 302 20.85 7.36 -8.90
C PRO A 302 19.38 7.57 -8.61
N GLN A 303 18.56 7.69 -9.65
CA GLN A 303 17.14 7.90 -9.46
C GLN A 303 16.43 6.65 -8.93
N ILE A 304 15.31 6.85 -8.23
CA ILE A 304 14.55 5.74 -7.68
C ILE A 304 13.64 5.18 -8.76
N SER A 305 13.74 3.88 -9.02
CA SER A 305 12.91 3.22 -10.01
C SER A 305 11.58 2.91 -9.38
N GLU A 306 10.58 2.57 -10.20
CA GLU A 306 9.28 2.20 -9.69
C GLU A 306 9.37 1.01 -8.74
N ALA A 307 10.12 -0.02 -9.15
CA ALA A 307 10.29 -1.23 -8.35
C ALA A 307 10.96 -0.92 -6.99
N ASP A 308 11.98 -0.06 -7.00
CA ASP A 308 12.69 0.34 -5.77
CA ASP A 308 12.65 0.26 -5.74
C ASP A 308 11.73 1.08 -4.85
N PHE A 309 10.97 1.99 -5.45
CA PHE A 309 9.99 2.80 -4.73
C PHE A 309 8.96 1.92 -4.01
N ARG A 310 8.36 1.00 -4.76
CA ARG A 310 7.33 0.11 -4.23
C ARG A 310 7.91 -0.78 -3.14
N TRP A 311 9.13 -1.23 -3.31
CA TRP A 311 9.76 -2.04 -2.29
C TRP A 311 9.98 -1.25 -1.02
N LEU A 312 10.60 -0.08 -1.13
CA LEU A 312 10.89 0.75 0.05
C LEU A 312 9.60 1.16 0.79
N MET A 313 8.57 1.53 0.04
CA MET A 313 7.29 1.87 0.66
C MET A 313 6.72 0.68 1.42
N ASN A 314 6.86 -0.51 0.85
CA ASN A 314 6.33 -1.71 1.49
C ASN A 314 7.03 -2.00 2.80
N GLU A 315 8.34 -1.73 2.85
CA GLU A 315 9.11 -1.95 4.08
C GLU A 315 8.68 -1.01 5.21
N ASN A 316 8.13 0.14 4.86
CA ASN A 316 7.68 1.11 5.84
C ASN A 316 6.19 0.84 6.11
N ALA A 317 5.89 0.05 7.14
CA ALA A 317 4.52 -0.34 7.44
C ALA A 317 3.62 0.88 7.65
N MET A 318 4.10 1.83 8.43
CA MET A 318 3.36 3.06 8.69
C MET A 318 3.06 3.80 7.38
N ALA A 319 4.07 4.00 6.53
CA ALA A 319 3.87 4.78 5.29
C ALA A 319 2.85 4.14 4.34
N THR A 320 2.95 2.83 4.12
CA THR A 320 2.00 2.14 3.27
C THR A 320 0.59 2.30 3.82
N HIS A 321 0.46 2.15 5.13
CA HIS A 321 -0.85 2.27 5.73
C HIS A 321 -1.42 3.69 5.69
N LYS A 322 -0.61 4.69 6.00
CA LYS A 322 -1.09 6.09 6.04
C LYS A 322 -1.36 6.68 4.67
N LEU A 323 -0.59 6.28 3.66
CA LEU A 323 -0.86 6.70 2.29
C LEU A 323 -2.20 6.10 1.85
N ALA A 324 -2.35 4.79 2.04
CA ALA A 324 -3.59 4.11 1.66
C ALA A 324 -4.80 4.70 2.38
N GLU A 325 -4.69 4.84 3.70
CA GLU A 325 -5.75 5.40 4.53
C GLU A 325 -6.10 6.82 4.12
N GLY A 326 -5.08 7.64 3.84
CA GLY A 326 -5.29 9.03 3.44
C GLY A 326 -6.15 9.11 2.19
N ILE A 327 -5.85 8.24 1.23
CA ILE A 327 -6.62 8.16 -0.01
C ILE A 327 -8.05 7.69 0.29
N ARG A 328 -8.19 6.65 1.11
CA ARG A 328 -9.54 6.18 1.48
C ARG A 328 -10.35 7.26 2.18
N LEU A 329 -9.73 7.93 3.14
CA LEU A 329 -10.45 8.94 3.93
C LEU A 329 -10.84 10.17 3.12
N PHE A 330 -9.95 10.62 2.26
CA PHE A 330 -10.27 11.77 1.39
C PHE A 330 -11.38 11.37 0.41
N THR A 331 -11.37 10.12 -0.04
CA THR A 331 -12.43 9.64 -0.93
C THR A 331 -13.78 9.70 -0.23
N LYS A 332 -13.80 9.25 1.02
CA LYS A 332 -15.01 9.25 1.81
C LYS A 332 -15.57 10.69 1.91
N ASP A 333 -14.70 11.66 2.16
CA ASP A 333 -15.13 13.05 2.28
C ASP A 333 -15.60 13.61 0.97
N THR A 334 -14.96 13.21 -0.13
CA THR A 334 -15.37 13.66 -1.46
C THR A 334 -16.74 13.08 -1.82
N ILE A 335 -16.97 11.81 -1.45
CA ILE A 335 -18.27 11.17 -1.67
C ILE A 335 -19.33 11.87 -0.84
N GLU A 336 -18.99 12.23 0.40
CA GLU A 336 -19.94 12.94 1.23
C GLU A 336 -20.31 14.28 0.59
N LEU A 337 -19.32 14.99 0.05
CA LEU A 337 -19.58 16.25 -0.65
C LEU A 337 -20.52 16.03 -1.85
N GLU A 338 -20.29 14.95 -2.59
CA GLU A 338 -21.17 14.63 -3.73
C GLU A 338 -22.60 14.41 -3.27
N ASN A 339 -22.77 13.72 -2.15
CA ASN A 339 -24.09 13.45 -1.60
C ASN A 339 -24.77 14.73 -1.13
N ILE A 340 -24.00 15.66 -0.59
CA ILE A 340 -24.55 16.96 -0.20
C ILE A 340 -25.06 17.68 -1.46
N ILE A 341 -24.25 17.61 -2.53
CA ILE A 341 -24.61 18.23 -3.81
C ILE A 341 -25.92 17.59 -4.33
N LYS A 342 -25.97 16.26 -4.37
CA LYS A 342 -27.17 15.52 -4.80
C LYS A 342 -28.41 15.86 -3.98
N GLN A 343 -28.24 16.06 -2.68
CA GLN A 343 -29.34 16.40 -1.77
C GLN A 343 -29.82 17.84 -1.93
N ASN A 344 -29.13 18.62 -2.77
CA ASN A 344 -29.48 20.02 -3.00
C ASN A 344 -29.58 20.37 -4.49
N LEU A 345 -29.61 19.34 -5.34
CA LEU A 345 -29.64 19.54 -6.77
C LEU A 345 -31.07 19.82 -7.21
N MET B 25 -19.55 -47.05 4.72
CA MET B 25 -19.03 -45.73 5.19
C MET B 25 -18.04 -45.92 6.36
N GLN B 26 -18.24 -45.24 7.49
CA GLN B 26 -17.30 -45.30 8.63
C GLN B 26 -15.98 -44.64 8.21
N LYS B 27 -16.09 -43.40 7.70
CA LYS B 27 -14.94 -42.64 7.22
C LYS B 27 -14.80 -41.33 7.96
N SER B 28 -13.56 -40.95 8.26
CA SER B 28 -13.29 -39.70 8.96
C SER B 28 -13.65 -38.50 8.08
N VAL B 29 -13.64 -37.32 8.67
CA VAL B 29 -13.90 -36.10 7.93
C VAL B 29 -12.79 -35.90 6.88
N LEU B 30 -11.55 -36.23 7.24
CA LEU B 30 -10.44 -36.09 6.29
C LEU B 30 -10.73 -36.95 5.07
N GLU B 31 -11.11 -38.19 5.32
CA GLU B 31 -11.38 -39.12 4.23
C GLU B 31 -12.58 -38.65 3.37
N GLN B 32 -13.64 -38.14 4.00
CA GLN B 32 -14.78 -37.61 3.24
C GLN B 32 -14.36 -36.37 2.45
N LEU B 33 -13.54 -35.53 3.07
CA LEU B 33 -13.06 -34.31 2.41
C LEU B 33 -12.28 -34.62 1.13
N LYS B 34 -11.47 -35.69 1.16
CA LYS B 34 -10.69 -36.09 -0.01
C LYS B 34 -11.54 -36.48 -1.21
N GLN B 35 -12.81 -36.81 -0.98
CA GLN B 35 -13.71 -37.20 -2.06
C GLN B 35 -14.28 -36.02 -2.83
N VAL B 36 -14.29 -34.85 -2.20
CA VAL B 36 -14.88 -33.66 -2.81
C VAL B 36 -13.91 -32.49 -3.01
N THR B 37 -12.70 -32.62 -2.46
CA THR B 37 -11.68 -31.58 -2.52
C THR B 37 -10.27 -32.17 -2.56
N MET B 38 -9.38 -31.57 -3.35
CA MET B 38 -7.99 -32.03 -3.38
C MET B 38 -7.35 -31.56 -2.09
N VAL B 39 -7.01 -32.51 -1.23
CA VAL B 39 -6.36 -32.19 0.04
C VAL B 39 -4.86 -31.98 -0.20
N VAL B 40 -4.36 -30.85 0.31
CA VAL B 40 -2.96 -30.47 0.13
C VAL B 40 -2.33 -30.26 1.51
N ALA B 41 -1.08 -30.70 1.69
CA ALA B 41 -0.39 -30.58 2.97
C ALA B 41 0.45 -29.30 2.99
N ASP B 42 0.22 -28.47 4.01
CA ASP B 42 0.90 -27.18 4.14
C ASP B 42 2.05 -27.33 5.15
N THR B 43 3.24 -27.67 4.65
CA THR B 43 4.38 -27.85 5.54
C THR B 43 5.70 -28.03 4.80
N GLY B 44 6.79 -27.70 5.48
CA GLY B 44 8.13 -27.93 4.95
C GLY B 44 8.71 -29.22 5.52
N ASP B 45 8.04 -29.78 6.53
CA ASP B 45 8.49 -31.00 7.20
C ASP B 45 7.88 -32.21 6.49
N PHE B 46 8.60 -32.69 5.48
CA PHE B 46 8.12 -33.80 4.65
C PHE B 46 7.87 -35.11 5.40
N GLU B 47 8.50 -35.30 6.55
CA GLU B 47 8.31 -36.51 7.34
C GLU B 47 6.90 -36.60 7.96
N LEU B 48 6.17 -35.49 8.03
CA LEU B 48 4.82 -35.48 8.60
C LEU B 48 3.73 -35.71 7.54
N ILE B 49 4.08 -35.48 6.28
CA ILE B 49 3.12 -35.53 5.18
C ILE B 49 2.54 -36.89 4.75
N LYS B 50 3.38 -37.90 4.63
CA LYS B 50 2.95 -39.18 4.11
C LYS B 50 1.77 -39.84 4.82
N LYS B 51 1.71 -39.77 6.15
CA LYS B 51 0.62 -40.41 6.90
CA LYS B 51 0.62 -40.43 6.88
C LYS B 51 -0.74 -39.79 6.59
N TYR B 52 -0.77 -38.57 6.07
CA TYR B 52 -2.05 -37.92 5.74
C TYR B 52 -2.47 -38.13 4.29
N LYS B 53 -1.55 -38.63 3.47
CA LYS B 53 -1.78 -38.91 2.04
C LYS B 53 -2.40 -37.76 1.22
N PRO B 54 -1.76 -36.59 1.24
CA PRO B 54 -2.27 -35.49 0.44
C PRO B 54 -1.88 -35.66 -1.01
N VAL B 55 -2.59 -35.01 -1.91
CA VAL B 55 -2.27 -35.05 -3.33
C VAL B 55 -1.05 -34.18 -3.61
N ASP B 56 -1.15 -32.90 -3.22
CA ASP B 56 -0.07 -31.91 -3.38
C ASP B 56 0.42 -31.43 -2.01
N ALA B 57 1.45 -30.59 -2.02
CA ALA B 57 1.94 -29.98 -0.81
C ALA B 57 2.36 -28.54 -1.10
N THR B 58 2.31 -27.71 -0.06
CA THR B 58 2.72 -26.34 -0.19
C THR B 58 3.75 -25.98 0.86
N THR B 59 4.72 -25.18 0.45
CA THR B 59 5.70 -24.64 1.39
C THR B 59 5.62 -23.12 1.21
N ASN B 60 6.23 -22.40 2.13
CA ASN B 60 6.33 -20.95 2.01
C ASN B 60 7.62 -20.58 2.75
N PRO B 61 8.09 -19.34 2.60
CA PRO B 61 9.36 -18.98 3.23
C PRO B 61 9.39 -19.17 4.74
N SER B 62 8.25 -19.00 5.40
CA SER B 62 8.18 -19.19 6.84
C SER B 62 8.26 -20.68 7.19
N LEU B 63 7.59 -21.51 6.39
CA LEU B 63 7.61 -22.95 6.62
C LEU B 63 8.98 -23.54 6.31
N ILE B 64 9.67 -23.01 5.32
CA ILE B 64 11.02 -23.49 5.00
C ILE B 64 11.96 -23.16 6.15
N LEU B 65 11.82 -21.96 6.71
CA LEU B 65 12.65 -21.53 7.83
C LEU B 65 12.42 -22.43 9.03
N LYS B 66 11.15 -22.69 9.36
CA LYS B 66 10.83 -23.56 10.50
C LYS B 66 11.48 -24.94 10.35
N ALA B 67 11.41 -25.52 9.16
CA ALA B 67 11.99 -26.83 8.87
C ALA B 67 13.52 -26.81 8.99
N VAL B 68 14.15 -25.79 8.40
CA VAL B 68 15.61 -25.63 8.44
C VAL B 68 16.15 -25.54 9.87
N LYS B 69 15.36 -24.97 10.78
CA LYS B 69 15.77 -24.81 12.17
C LYS B 69 15.62 -26.09 13.02
N GLU B 70 14.86 -27.07 12.53
CA GLU B 70 14.65 -28.33 13.28
C GLU B 70 15.92 -29.17 13.35
N GLN B 71 16.26 -29.64 14.55
CA GLN B 71 17.44 -30.47 14.73
C GLN B 71 17.41 -31.68 13.80
N LYS B 72 16.22 -32.24 13.65
CA LYS B 72 15.96 -33.34 12.74
C LYS B 72 16.63 -33.13 11.39
N TYR B 73 16.49 -31.94 10.80
CA TYR B 73 17.07 -31.65 9.48
C TYR B 73 18.39 -30.91 9.51
N SER B 74 19.03 -30.82 10.67
CA SER B 74 20.33 -30.14 10.78
C SER B 74 21.39 -30.88 9.95
N ASN B 75 21.11 -32.15 9.66
CA ASN B 75 22.01 -32.98 8.86
C ASN B 75 21.91 -32.57 7.39
N LEU B 76 20.70 -32.60 6.86
CA LEU B 76 20.44 -32.19 5.46
C LEU B 76 20.93 -30.78 5.19
N VAL B 77 20.59 -29.86 6.11
CA VAL B 77 21.00 -28.45 5.99
C VAL B 77 22.51 -28.35 5.84
N ALA B 78 23.24 -29.03 6.71
CA ALA B 78 24.71 -29.02 6.70
C ALA B 78 25.30 -29.51 5.36
N GLU B 79 24.68 -30.54 4.78
CA GLU B 79 25.14 -31.11 3.51
C GLU B 79 24.99 -30.15 2.34
N THR B 80 23.82 -29.53 2.23
CA THR B 80 23.55 -28.56 1.17
C THR B 80 24.54 -27.41 1.24
N ILE B 81 24.82 -26.96 2.47
CA ILE B 81 25.76 -25.87 2.71
C ILE B 81 27.16 -26.23 2.22
N SER B 82 27.57 -27.47 2.49
CA SER B 82 28.90 -27.96 2.05
C SER B 82 28.94 -28.16 0.54
N LYS B 83 27.96 -28.91 0.01
CA LYS B 83 27.88 -29.18 -1.42
C LYS B 83 28.06 -27.90 -2.21
N VAL B 84 27.13 -26.96 -1.97
CA VAL B 84 27.11 -25.69 -2.66
C VAL B 84 28.43 -24.93 -2.53
N LYS B 85 29.02 -24.90 -1.34
CA LYS B 85 30.29 -24.18 -1.15
C LYS B 85 31.44 -24.83 -1.91
N ALA B 86 31.43 -26.17 -1.98
CA ALA B 86 32.47 -26.92 -2.69
C ALA B 86 32.37 -26.68 -4.21
N ASN B 87 31.15 -26.57 -4.71
CA ASN B 87 30.91 -26.35 -6.13
C ASN B 87 30.96 -24.87 -6.53
N ASN B 88 31.06 -23.99 -5.53
CA ASN B 88 31.10 -22.54 -5.79
C ASN B 88 32.16 -21.85 -4.91
N PRO B 89 33.45 -22.16 -5.16
CA PRO B 89 34.53 -21.59 -4.36
C PRO B 89 34.80 -20.10 -4.60
N ASP B 90 34.33 -19.54 -5.73
CA ASP B 90 34.62 -18.14 -6.06
C ASP B 90 33.52 -17.12 -5.84
N LEU B 91 32.31 -17.55 -5.50
CA LEU B 91 31.23 -16.61 -5.23
C LEU B 91 31.50 -15.89 -3.91
N ASN B 92 31.09 -14.63 -3.83
CA ASN B 92 31.27 -13.85 -2.60
C ASN B 92 30.21 -14.28 -1.58
N SER B 93 30.41 -13.92 -0.32
CA SER B 93 29.47 -14.30 0.75
C SER B 93 28.01 -14.06 0.37
N ASP B 94 27.74 -12.94 -0.31
CA ASP B 94 26.38 -12.59 -0.72
C ASP B 94 25.77 -13.62 -1.69
N ASP B 95 26.44 -13.84 -2.82
CA ASP B 95 25.96 -14.79 -3.84
C ASP B 95 25.90 -16.22 -3.32
N LEU B 96 26.88 -16.60 -2.52
CA LEU B 96 26.95 -17.96 -1.95
C LEU B 96 25.72 -18.24 -1.10
N VAL B 97 25.46 -17.36 -0.14
CA VAL B 97 24.31 -17.50 0.75
C VAL B 97 23.01 -17.60 -0.06
N LYS B 98 22.94 -16.79 -1.11
CA LYS B 98 21.77 -16.72 -1.99
C LYS B 98 21.55 -18.08 -2.66
N GLU B 99 22.64 -18.63 -3.20
CA GLU B 99 22.61 -19.91 -3.89
C GLU B 99 22.25 -21.05 -2.93
N ILE B 100 22.79 -21.00 -1.71
CA ILE B 100 22.48 -22.00 -0.70
C ILE B 100 21.00 -21.96 -0.34
N ALA B 101 20.42 -20.77 -0.29
CA ALA B 101 18.99 -20.58 0.05
C ALA B 101 18.05 -21.22 -0.99
N ILE B 102 18.38 -21.06 -2.25
CA ILE B 102 17.55 -21.62 -3.32
C ILE B 102 17.68 -23.16 -3.36
N GLU B 103 18.89 -23.68 -3.13
CA GLU B 103 19.07 -25.14 -3.08
C GLU B 103 18.37 -25.75 -1.87
N ILE B 104 18.39 -25.03 -0.74
CA ILE B 104 17.67 -25.50 0.44
C ILE B 104 16.17 -25.54 0.13
N LEU B 105 15.66 -24.49 -0.48
CA LEU B 105 14.25 -24.43 -0.88
C LEU B 105 13.88 -25.61 -1.76
N VAL B 106 14.72 -25.87 -2.75
CA VAL B 106 14.50 -26.98 -3.68
C VAL B 106 14.70 -28.34 -3.02
N SER B 107 15.68 -28.46 -2.14
CA SER B 107 15.94 -29.72 -1.43
C SER B 107 14.73 -30.20 -0.63
N PHE B 108 14.08 -29.29 0.08
CA PHE B 108 12.89 -29.63 0.85
C PHE B 108 11.76 -30.00 -0.11
N GLY B 109 11.68 -29.29 -1.23
CA GLY B 109 10.68 -29.59 -2.24
C GLY B 109 10.85 -31.01 -2.79
N ILE B 110 12.09 -31.39 -3.06
CA ILE B 110 12.37 -32.72 -3.59
C ILE B 110 12.03 -33.79 -2.55
N LYS B 111 12.38 -33.54 -1.29
CA LYS B 111 12.09 -34.48 -0.21
C LYS B 111 10.58 -34.68 -0.11
N ILE B 112 9.83 -33.59 -0.28
CA ILE B 112 8.37 -33.63 -0.26
C ILE B 112 7.82 -34.42 -1.44
N LEU B 113 8.35 -34.16 -2.64
CA LEU B 113 7.90 -34.86 -3.86
C LEU B 113 8.05 -36.38 -3.79
N ASP B 114 8.96 -36.88 -2.94
CA ASP B 114 9.13 -38.33 -2.79
C ASP B 114 7.96 -39.00 -2.08
N VAL B 115 7.23 -38.26 -1.24
CA VAL B 115 6.11 -38.85 -0.48
C VAL B 115 4.71 -38.50 -0.99
N ILE B 116 4.63 -37.81 -2.13
CA ILE B 116 3.34 -37.47 -2.74
C ILE B 116 3.33 -37.80 -4.23
N GLU B 117 2.14 -37.81 -4.81
CA GLU B 117 1.96 -38.09 -6.23
C GLU B 117 1.88 -36.80 -7.04
N GLY B 118 1.46 -35.72 -6.39
CA GLY B 118 1.26 -34.43 -7.06
C GLY B 118 2.42 -33.45 -7.07
N LYS B 119 2.07 -32.18 -6.95
CA LYS B 119 3.02 -31.08 -7.04
C LYS B 119 3.39 -30.47 -5.69
N VAL B 120 4.51 -29.78 -5.66
CA VAL B 120 4.92 -29.01 -4.48
C VAL B 120 5.04 -27.55 -4.89
N SER B 121 4.62 -26.64 -4.01
CA SER B 121 4.74 -25.22 -4.27
C SER B 121 5.97 -24.72 -3.55
N SER B 122 6.82 -24.00 -4.28
CA SER B 122 8.03 -23.40 -3.72
C SER B 122 7.95 -21.92 -4.05
N GLU B 123 8.10 -21.07 -3.03
CA GLU B 123 7.95 -19.62 -3.20
C GLU B 123 9.21 -18.86 -3.56
N VAL B 124 9.08 -17.91 -4.48
CA VAL B 124 10.20 -17.03 -4.84
C VAL B 124 10.58 -16.15 -3.66
N ASP B 125 11.79 -15.60 -3.72
CA ASP B 125 12.29 -14.68 -2.70
C ASP B 125 11.32 -13.47 -2.64
N ALA B 126 10.73 -13.26 -1.47
CA ALA B 126 9.76 -12.17 -1.28
C ALA B 126 10.31 -10.78 -1.65
N ARG B 127 11.62 -10.62 -1.64
CA ARG B 127 12.22 -9.32 -1.98
C ARG B 127 12.02 -8.88 -3.42
N VAL B 128 11.60 -9.78 -4.31
CA VAL B 128 11.37 -9.41 -5.71
C VAL B 128 9.88 -9.22 -6.01
N SER B 129 9.05 -9.14 -4.98
CA SER B 129 7.59 -9.06 -5.14
C SER B 129 7.06 -7.87 -5.97
N PHE B 130 7.84 -6.80 -6.09
CA PHE B 130 7.43 -5.63 -6.88
C PHE B 130 8.21 -5.46 -8.18
N ASN B 131 8.83 -6.54 -8.64
CA ASN B 131 9.63 -6.53 -9.85
C ASN B 131 9.29 -7.79 -10.64
N SER B 132 8.60 -7.60 -11.76
CA SER B 132 8.16 -8.71 -12.59
C SER B 132 9.32 -9.44 -13.23
N ALA B 133 10.28 -8.69 -13.76
CA ALA B 133 11.43 -9.24 -14.42
C ALA B 133 12.24 -10.15 -13.49
N THR B 134 12.54 -9.68 -12.28
CA THR B 134 13.34 -10.46 -11.32
C THR B 134 12.51 -11.57 -10.69
N THR B 135 11.19 -11.42 -10.71
CA THR B 135 10.32 -12.50 -10.25
C THR B 135 10.40 -13.63 -11.28
N ILE B 136 10.35 -13.29 -12.56
CA ILE B 136 10.45 -14.28 -13.63
C ILE B 136 11.80 -15.00 -13.54
N ASP B 137 12.86 -14.22 -13.30
CA ASP B 137 14.22 -14.77 -13.17
CA ASP B 137 14.22 -14.77 -13.20
C ASP B 137 14.32 -15.78 -12.05
N TYR B 138 13.80 -15.40 -10.88
CA TYR B 138 13.86 -16.28 -9.73
C TYR B 138 13.04 -17.55 -9.95
N ALA B 139 11.90 -17.41 -10.63
CA ALA B 139 11.03 -18.54 -10.93
C ALA B 139 11.75 -19.56 -11.80
N LYS B 140 12.36 -19.08 -12.88
CA LYS B 140 13.09 -19.95 -13.81
C LYS B 140 14.28 -20.61 -13.12
N ARG B 141 14.92 -19.88 -12.21
CA ARG B 141 16.06 -20.39 -11.45
CA ARG B 141 16.06 -20.43 -11.48
C ARG B 141 15.62 -21.57 -10.58
N ILE B 142 14.44 -21.44 -9.96
CA ILE B 142 13.93 -22.52 -9.11
C ILE B 142 13.69 -23.74 -10.00
N ILE B 143 12.99 -23.52 -11.11
CA ILE B 143 12.70 -24.59 -12.06
C ILE B 143 14.00 -25.24 -12.56
N ALA B 144 15.03 -24.42 -12.80
CA ALA B 144 16.33 -24.92 -13.25
C ALA B 144 16.99 -25.80 -12.18
N ARG B 145 16.85 -25.43 -10.91
CA ARG B 145 17.43 -26.25 -9.82
C ARG B 145 16.71 -27.59 -9.69
N TYR B 146 15.39 -27.58 -9.78
CA TYR B 146 14.63 -28.83 -9.76
C TYR B 146 15.09 -29.75 -10.90
N GLU B 147 15.22 -29.17 -12.10
CA GLU B 147 15.62 -29.91 -13.31
C GLU B 147 17.02 -30.54 -13.16
N SER B 148 17.96 -29.80 -12.58
CA SER B 148 19.32 -30.33 -12.39
C SER B 148 19.32 -31.52 -11.41
N ASN B 149 18.29 -31.57 -10.55
CA ASN B 149 18.10 -32.63 -9.58
C ASN B 149 17.15 -33.73 -10.09
N GLY B 150 16.88 -33.74 -11.39
CA GLY B 150 16.02 -34.75 -12.01
C GLY B 150 14.53 -34.59 -11.76
N ILE B 151 14.08 -33.36 -11.54
CA ILE B 151 12.66 -33.10 -11.33
C ILE B 151 12.14 -32.19 -12.42
N PRO B 152 11.18 -32.67 -13.23
CA PRO B 152 10.64 -31.86 -14.32
C PRO B 152 9.67 -30.81 -13.80
N LYS B 153 9.40 -29.79 -14.60
CA LYS B 153 8.57 -28.67 -14.16
C LYS B 153 7.11 -29.01 -13.84
N ASP B 154 6.60 -30.12 -14.37
CA ASP B 154 5.21 -30.51 -14.11
C ASP B 154 4.92 -30.84 -12.63
N ARG B 155 5.96 -31.18 -11.86
CA ARG B 155 5.84 -31.51 -10.44
CA ARG B 155 5.78 -31.50 -10.45
C ARG B 155 5.84 -30.26 -9.55
N VAL B 156 6.14 -29.11 -10.14
CA VAL B 156 6.31 -27.90 -9.36
C VAL B 156 5.39 -26.73 -9.68
N LEU B 157 5.00 -26.03 -8.62
CA LEU B 157 4.26 -24.78 -8.72
C LEU B 157 5.15 -23.70 -8.09
N ILE B 158 5.34 -22.59 -8.81
CA ILE B 158 6.13 -21.48 -8.30
C ILE B 158 5.17 -20.53 -7.58
N LYS B 159 5.42 -20.31 -6.29
CA LYS B 159 4.55 -19.48 -5.48
C LYS B 159 5.03 -18.05 -5.59
N ILE B 160 4.10 -17.15 -5.92
CA ILE B 160 4.40 -15.73 -6.16
C ILE B 160 3.35 -14.88 -5.44
N ALA B 161 3.78 -13.84 -4.72
CA ALA B 161 2.83 -12.96 -4.03
C ALA B 161 1.98 -12.25 -5.08
N ALA B 162 0.67 -12.21 -4.84
CA ALA B 162 -0.29 -11.64 -5.79
C ALA B 162 -0.37 -10.11 -5.85
N THR B 163 0.77 -9.45 -6.00
CA THR B 163 0.83 -8.03 -6.27
C THR B 163 0.60 -7.92 -7.76
N TRP B 164 0.33 -6.72 -8.25
CA TRP B 164 0.15 -6.52 -9.67
C TRP B 164 1.35 -7.06 -10.44
N GLU B 165 2.55 -6.79 -9.92
CA GLU B 165 3.79 -7.22 -10.57
C GLU B 165 3.94 -8.74 -10.57
N GLY B 166 3.53 -9.39 -9.48
CA GLY B 166 3.62 -10.85 -9.37
C GLY B 166 2.67 -11.52 -10.37
N ILE B 167 1.51 -10.91 -10.54
CA ILE B 167 0.50 -11.41 -11.47
C ILE B 167 1.04 -11.23 -12.90
N LYS B 168 1.65 -10.06 -13.16
CA LYS B 168 2.25 -9.81 -14.47
CA LYS B 168 2.25 -9.78 -14.47
C LYS B 168 3.32 -10.85 -14.76
N ALA B 169 4.14 -11.16 -13.76
CA ALA B 169 5.20 -12.15 -13.91
C ALA B 169 4.63 -13.55 -14.22
N ALA B 170 3.61 -13.94 -13.47
CA ALA B 170 2.97 -15.26 -13.66
C ALA B 170 2.35 -15.40 -15.06
N LYS B 171 1.79 -14.32 -15.57
CA LYS B 171 1.21 -14.36 -16.91
C LYS B 171 2.27 -14.82 -17.90
N LEU B 172 3.47 -14.23 -17.83
CA LEU B 172 4.56 -14.60 -18.71
C LEU B 172 5.11 -16.00 -18.41
N LEU B 173 5.17 -16.37 -17.13
CA LEU B 173 5.65 -17.69 -16.77
C LEU B 173 4.71 -18.79 -17.30
N GLN B 174 3.40 -18.57 -17.20
CA GLN B 174 2.42 -19.54 -17.69
C GLN B 174 2.61 -19.72 -19.21
N LYS B 175 2.90 -18.63 -19.93
CA LYS B 175 3.11 -18.73 -21.36
CA LYS B 175 3.15 -18.67 -21.37
C LYS B 175 4.35 -19.55 -21.69
N GLU B 176 5.31 -19.60 -20.74
CA GLU B 176 6.50 -20.40 -20.94
CA GLU B 176 6.52 -20.40 -20.90
C GLU B 176 6.34 -21.82 -20.38
N GLY B 177 5.12 -22.17 -19.99
CA GLY B 177 4.82 -23.51 -19.48
C GLY B 177 5.16 -23.74 -18.03
N ILE B 178 5.29 -22.66 -17.26
CA ILE B 178 5.63 -22.76 -15.84
C ILE B 178 4.40 -22.41 -15.04
N ASN B 179 3.89 -23.38 -14.30
CA ASN B 179 2.69 -23.22 -13.49
C ASN B 179 2.99 -22.50 -12.21
N CYS B 180 2.11 -21.57 -11.87
CA CYS B 180 2.26 -20.73 -10.69
C CYS B 180 1.12 -20.85 -9.71
N ASN B 181 1.46 -20.61 -8.45
CA ASN B 181 0.58 -20.58 -7.31
C ASN B 181 0.60 -19.14 -6.80
N LEU B 182 -0.43 -18.37 -7.13
CA LEU B 182 -0.53 -16.98 -6.71
C LEU B 182 -1.03 -16.93 -5.27
N THR B 183 -0.19 -16.42 -4.39
CA THR B 183 -0.45 -16.45 -2.97
C THR B 183 -0.71 -15.06 -2.38
N LEU B 184 -1.02 -15.04 -1.09
CA LEU B 184 -1.33 -13.81 -0.37
C LEU B 184 -2.47 -13.05 -1.06
N ILE B 185 -3.52 -13.80 -1.40
CA ILE B 185 -4.72 -13.26 -2.04
C ILE B 185 -5.77 -12.97 -0.96
N PHE B 186 -6.14 -11.69 -0.86
CA PHE B 186 -7.05 -11.21 0.17
C PHE B 186 -8.25 -10.43 -0.36
N ASP B 187 -8.36 -10.32 -1.68
CA ASP B 187 -9.45 -9.55 -2.28
C ASP B 187 -9.85 -10.18 -3.61
N LYS B 188 -11.11 -10.02 -3.96
CA LYS B 188 -11.62 -10.54 -5.23
C LYS B 188 -10.88 -9.97 -6.46
N ALA B 189 -10.40 -8.72 -6.37
CA ALA B 189 -9.67 -8.07 -7.50
C ALA B 189 -8.40 -8.82 -7.87
N GLN B 190 -7.62 -9.23 -6.87
CA GLN B 190 -6.45 -10.07 -7.13
C GLN B 190 -6.84 -11.34 -7.81
N ALA B 191 -7.86 -12.00 -7.26
CA ALA B 191 -8.33 -13.27 -7.80
C ALA B 191 -8.74 -13.12 -9.24
N LYS B 192 -9.46 -12.05 -9.56
CA LYS B 192 -9.93 -11.83 -10.93
CA LYS B 192 -9.92 -11.80 -10.92
C LYS B 192 -8.75 -11.65 -11.86
N ALA B 193 -7.81 -10.76 -11.50
CA ALA B 193 -6.63 -10.51 -12.31
C ALA B 193 -5.81 -11.79 -12.48
N CYS B 194 -5.71 -12.59 -11.43
CA CYS B 194 -4.98 -13.86 -11.51
C CYS B 194 -5.60 -14.79 -12.57
N ALA B 195 -6.93 -14.94 -12.52
CA ALA B 195 -7.64 -15.80 -13.47
C ALA B 195 -7.47 -15.30 -14.91
N GLU B 196 -7.53 -13.98 -15.07
CA GLU B 196 -7.37 -13.36 -16.38
C GLU B 196 -5.98 -13.59 -16.96
N ALA B 197 -4.99 -13.76 -16.08
CA ALA B 197 -3.60 -14.02 -16.47
C ALA B 197 -3.38 -15.51 -16.77
N GLY B 198 -4.43 -16.32 -16.66
CA GLY B 198 -4.33 -17.76 -16.91
C GLY B 198 -3.45 -18.51 -15.94
N VAL B 199 -3.44 -18.07 -14.69
N VAL B 199 -3.40 -18.07 -14.68
CA VAL B 199 -2.65 -18.70 -13.63
CA VAL B 199 -2.55 -18.73 -13.68
C VAL B 199 -3.19 -20.08 -13.28
C VAL B 199 -3.16 -20.06 -13.30
N TYR B 200 -2.29 -21.03 -13.05
CA TYR B 200 -2.70 -22.40 -12.73
C TYR B 200 -3.52 -22.51 -11.46
N LEU B 201 -3.11 -21.80 -10.41
CA LEU B 201 -3.78 -21.91 -9.12
C LEU B 201 -3.66 -20.66 -8.30
N VAL B 202 -4.70 -20.39 -7.50
CA VAL B 202 -4.69 -19.25 -6.60
C VAL B 202 -4.87 -19.74 -5.17
N SER B 203 -4.24 -19.02 -4.24
CA SER B 203 -4.31 -19.36 -2.83
C SER B 203 -4.96 -18.25 -2.00
N PRO B 204 -6.29 -18.13 -2.07
CA PRO B 204 -6.94 -17.15 -1.20
C PRO B 204 -6.77 -17.57 0.26
N PHE B 205 -6.38 -16.62 1.10
CA PHE B 205 -6.16 -16.88 2.51
C PHE B 205 -7.47 -16.77 3.31
N VAL B 206 -7.58 -17.58 4.36
CA VAL B 206 -8.73 -17.52 5.22
C VAL B 206 -8.35 -16.95 6.59
N GLY B 207 -7.44 -17.64 7.26
CA GLY B 207 -7.03 -17.34 8.63
C GLY B 207 -6.54 -15.94 8.90
N ARG B 208 -5.70 -15.40 8.00
CA ARG B 208 -5.19 -14.05 8.20
C ARG B 208 -6.30 -13.02 8.06
N ILE B 209 -7.30 -13.32 7.24
CA ILE B 209 -8.43 -12.41 7.13
C ILE B 209 -9.21 -12.44 8.44
N THR B 210 -9.40 -13.63 8.99
CA THR B 210 -10.13 -13.76 10.26
C THR B 210 -9.33 -13.10 11.39
N ASP B 211 -7.99 -13.19 11.34
CA ASP B 211 -7.13 -12.52 12.32
C ASP B 211 -7.45 -11.02 12.32
N TRP B 212 -7.56 -10.44 11.13
CA TRP B 212 -7.89 -9.02 10.99
C TRP B 212 -9.24 -8.73 11.56
N GLN B 213 -10.24 -9.52 11.15
CA GLN B 213 -11.61 -9.35 11.64
C GLN B 213 -11.71 -9.33 13.17
N MET B 214 -10.98 -10.25 13.81
CA MET B 214 -11.02 -10.34 15.26
C MET B 214 -10.29 -9.20 15.93
N GLN B 215 -9.13 -8.82 15.41
CA GLN B 215 -8.36 -7.72 16.00
C GLN B 215 -9.11 -6.39 15.79
N GLN B 216 -9.60 -6.14 14.58
CA GLN B 216 -10.38 -4.94 14.27
C GLN B 216 -11.55 -4.73 15.23
N ASN B 217 -12.34 -5.77 15.38
CA ASN B 217 -13.56 -5.72 16.18
C ASN B 217 -13.43 -6.29 17.60
N ASN B 218 -12.21 -6.34 18.12
CA ASN B 218 -11.95 -6.85 19.49
C ASN B 218 -12.79 -8.08 19.85
N LEU B 219 -12.71 -9.12 19.02
CA LEU B 219 -13.47 -10.35 19.25
C LEU B 219 -12.65 -11.33 20.07
N LYS B 220 -13.27 -11.87 21.12
CA LYS B 220 -12.62 -12.81 22.01
C LYS B 220 -12.65 -14.24 21.43
N THR B 221 -13.77 -14.59 20.80
CA THR B 221 -13.93 -15.90 20.17
C THR B 221 -14.12 -15.76 18.65
N PHE B 222 -13.82 -16.83 17.92
CA PHE B 222 -14.00 -16.82 16.47
C PHE B 222 -15.45 -16.50 16.10
N PRO B 223 -15.65 -15.85 14.95
CA PRO B 223 -17.00 -15.51 14.55
C PRO B 223 -17.74 -16.72 14.01
N ALA B 224 -19.04 -16.61 13.84
CA ALA B 224 -19.83 -17.69 13.27
C ALA B 224 -19.29 -17.93 11.86
N ILE B 225 -19.38 -19.17 11.39
CA ILE B 225 -18.88 -19.52 10.07
C ILE B 225 -19.51 -18.62 8.98
N ALA B 226 -20.81 -18.38 9.10
CA ALA B 226 -21.52 -17.52 8.13
C ALA B 226 -20.99 -16.08 8.15
N ASP B 227 -20.38 -15.67 9.26
CA ASP B 227 -19.85 -14.31 9.40
C ASP B 227 -18.33 -14.26 9.31
N ASP B 228 -17.69 -15.39 9.05
CA ASP B 228 -16.23 -15.46 8.99
C ASP B 228 -15.77 -14.84 7.68
N ASP B 229 -15.12 -13.68 7.76
CA ASP B 229 -14.65 -12.95 6.57
C ASP B 229 -13.74 -13.79 5.71
N GLY B 230 -12.86 -14.57 6.34
CA GLY B 230 -11.92 -15.40 5.61
C GLY B 230 -12.62 -16.47 4.79
N VAL B 231 -13.49 -17.23 5.45
CA VAL B 231 -14.26 -18.27 4.77
C VAL B 231 -15.08 -17.67 3.62
N ASN B 232 -15.73 -16.53 3.88
CA ASN B 232 -16.55 -15.87 2.86
C ASN B 232 -15.73 -15.33 1.69
N SER B 233 -14.48 -14.98 1.94
CA SER B 233 -13.61 -14.54 0.86
C SER B 233 -13.43 -15.69 -0.13
N VAL B 234 -13.13 -16.88 0.36
CA VAL B 234 -12.93 -18.03 -0.52
C VAL B 234 -14.24 -18.39 -1.25
N LYS B 235 -15.35 -18.42 -0.52
CA LYS B 235 -16.65 -18.72 -1.14
C LYS B 235 -16.93 -17.76 -2.31
N ALA B 236 -16.65 -16.48 -2.13
CA ALA B 236 -16.89 -15.46 -3.17
C ALA B 236 -15.97 -15.65 -4.39
N ILE B 237 -14.71 -15.96 -4.13
CA ILE B 237 -13.74 -16.19 -5.21
C ILE B 237 -14.14 -17.45 -5.99
N TYR B 238 -14.48 -18.51 -5.25
CA TYR B 238 -14.92 -19.75 -5.86
C TYR B 238 -16.15 -19.52 -6.74
N LYS B 239 -17.13 -18.78 -6.24
CA LYS B 239 -18.37 -18.48 -7.00
C LYS B 239 -18.04 -17.61 -8.21
N LEU B 240 -17.15 -16.63 -8.02
CA LEU B 240 -16.74 -15.76 -9.12
C LEU B 240 -16.16 -16.59 -10.26
N TYR B 241 -15.22 -17.46 -9.90
CA TYR B 241 -14.54 -18.33 -10.85
C TYR B 241 -15.45 -19.28 -11.61
N LYS B 242 -16.29 -20.03 -10.89
CA LYS B 242 -17.17 -21.00 -11.54
C LYS B 242 -18.24 -20.36 -12.39
N SER B 243 -18.69 -19.18 -12.00
CA SER B 243 -19.72 -18.48 -12.78
C SER B 243 -19.13 -17.80 -14.02
N HIS B 244 -17.81 -17.62 -14.06
CA HIS B 244 -17.13 -17.00 -15.23
C HIS B 244 -16.38 -18.00 -16.07
N GLY B 245 -16.45 -19.28 -15.73
CA GLY B 245 -15.75 -20.32 -16.48
C GLY B 245 -14.23 -20.28 -16.37
N PHE B 246 -13.70 -19.74 -15.27
CA PHE B 246 -12.25 -19.69 -15.08
C PHE B 246 -11.72 -21.07 -14.66
N LYS B 247 -10.66 -21.54 -15.30
CA LYS B 247 -10.06 -22.85 -15.00
C LYS B 247 -9.01 -22.79 -13.90
N THR B 248 -8.66 -21.60 -13.44
CA THR B 248 -7.68 -21.46 -12.37
C THR B 248 -8.18 -22.20 -11.15
N ILE B 249 -7.33 -23.04 -10.57
CA ILE B 249 -7.70 -23.81 -9.37
C ILE B 249 -7.80 -22.92 -8.12
N VAL B 250 -8.89 -23.08 -7.36
CA VAL B 250 -9.10 -22.31 -6.13
C VAL B 250 -8.67 -23.18 -4.94
N MET B 251 -7.56 -22.81 -4.30
CA MET B 251 -7.07 -23.54 -3.16
C MET B 251 -7.09 -22.66 -1.93
N GLY B 252 -8.02 -22.92 -1.01
CA GLY B 252 -8.06 -22.18 0.24
C GLY B 252 -6.80 -22.45 1.04
N ALA B 253 -6.22 -21.41 1.62
CA ALA B 253 -5.01 -21.56 2.43
C ALA B 253 -5.12 -20.72 3.69
N SER B 254 -4.22 -20.97 4.65
CA SER B 254 -4.16 -20.23 5.92
C SER B 254 -5.38 -20.55 6.78
N PHE B 255 -5.22 -21.44 7.76
CA PHE B 255 -6.34 -21.82 8.64
C PHE B 255 -6.01 -21.73 10.12
N ARG B 256 -6.99 -21.36 10.90
CA ARG B 256 -6.81 -21.20 12.35
C ARG B 256 -7.48 -22.34 13.15
N ASN B 257 -8.48 -22.97 12.56
CA ASN B 257 -9.17 -24.06 13.20
C ASN B 257 -9.79 -24.95 12.15
N VAL B 258 -10.13 -26.16 12.56
CA VAL B 258 -10.68 -27.14 11.64
C VAL B 258 -12.08 -26.77 11.12
N GLU B 259 -12.84 -25.97 11.87
CA GLU B 259 -14.18 -25.59 11.40
C GLU B 259 -14.11 -24.75 10.12
N GLN B 260 -13.09 -23.91 9.99
CA GLN B 260 -12.89 -23.12 8.76
C GLN B 260 -12.62 -24.01 7.56
N VAL B 261 -11.88 -25.10 7.78
CA VAL B 261 -11.56 -26.04 6.71
C VAL B 261 -12.82 -26.79 6.31
N ILE B 262 -13.53 -27.31 7.31
CA ILE B 262 -14.76 -28.04 7.08
C ILE B 262 -15.78 -27.17 6.35
N ALA B 263 -15.78 -25.87 6.65
CA ALA B 263 -16.73 -24.92 6.04
C ALA B 263 -16.57 -24.76 4.52
N LEU B 264 -15.41 -25.11 3.99
CA LEU B 264 -15.12 -24.96 2.58
C LEU B 264 -15.03 -26.29 1.83
N ALA B 265 -15.51 -27.36 2.46
CA ALA B 265 -15.52 -28.68 1.82
C ALA B 265 -16.21 -28.51 0.48
N GLY B 266 -15.57 -29.00 -0.57
CA GLY B 266 -16.09 -28.88 -1.94
C GLY B 266 -15.27 -27.92 -2.78
N CYS B 267 -14.39 -27.17 -2.13
CA CYS B 267 -13.50 -26.22 -2.82
C CYS B 267 -12.57 -27.09 -3.67
N ASP B 268 -12.02 -26.55 -4.76
CA ASP B 268 -11.13 -27.31 -5.64
C ASP B 268 -10.01 -27.95 -4.84
N ALA B 269 -9.42 -27.17 -3.96
CA ALA B 269 -8.35 -27.66 -3.12
C ALA B 269 -8.31 -26.90 -1.83
N LEU B 270 -7.69 -27.52 -0.84
CA LEU B 270 -7.47 -26.88 0.45
C LEU B 270 -6.10 -27.31 0.96
N THR B 271 -5.25 -26.33 1.29
CA THR B 271 -3.95 -26.65 1.86
C THR B 271 -4.05 -26.47 3.37
N ILE B 272 -3.70 -27.55 4.09
CA ILE B 272 -3.91 -27.64 5.53
C ILE B 272 -2.67 -28.10 6.27
N SER B 273 -2.46 -27.56 7.45
CA SER B 273 -1.31 -27.90 8.28
C SER B 273 -1.45 -29.29 8.86
N PRO B 274 -0.31 -29.93 9.19
CA PRO B 274 -0.36 -31.24 9.80
C PRO B 274 -1.20 -31.28 11.07
N VAL B 275 -1.14 -30.21 11.87
CA VAL B 275 -1.91 -30.16 13.12
C VAL B 275 -3.41 -30.22 12.83
N LEU B 276 -3.86 -29.50 11.81
CA LEU B 276 -5.27 -29.52 11.43
C LEU B 276 -5.62 -30.82 10.69
N LEU B 277 -4.69 -31.34 9.90
CA LEU B 277 -4.90 -32.63 9.24
C LEU B 277 -5.16 -33.72 10.29
N GLU B 278 -4.38 -33.69 11.37
CA GLU B 278 -4.54 -34.66 12.45
C GLU B 278 -5.94 -34.55 13.06
N GLU B 279 -6.43 -33.31 13.21
CA GLU B 279 -7.77 -33.12 13.75
C GLU B 279 -8.82 -33.68 12.82
N LEU B 280 -8.68 -33.43 11.51
CA LEU B 280 -9.62 -33.94 10.53
C LEU B 280 -9.60 -35.47 10.48
N LYS B 281 -8.41 -36.03 10.67
CA LYS B 281 -8.21 -37.48 10.67
C LYS B 281 -8.97 -38.15 11.82
N ASN B 282 -9.09 -37.43 12.93
CA ASN B 282 -9.71 -37.92 14.15
C ASN B 282 -11.18 -37.54 14.35
N ARG B 283 -11.76 -36.83 13.40
CA ARG B 283 -13.19 -36.45 13.43
C ARG B 283 -13.99 -37.48 12.64
N ASP B 284 -15.07 -37.99 13.22
CA ASP B 284 -15.87 -39.03 12.54
C ASP B 284 -17.34 -38.68 12.20
N GLU B 285 -17.71 -37.40 12.22
CA GLU B 285 -19.09 -37.03 11.87
C GLU B 285 -19.25 -36.81 10.36
N HIS B 286 -20.49 -36.82 9.88
CA HIS B 286 -20.78 -36.60 8.47
C HIS B 286 -20.31 -35.25 8.04
N LEU B 287 -19.70 -35.19 6.86
CA LEU B 287 -19.21 -33.95 6.28
C LEU B 287 -20.17 -33.50 5.19
N GLU B 288 -20.68 -32.29 5.31
CA GLU B 288 -21.59 -31.74 4.31
C GLU B 288 -20.81 -30.86 3.34
N VAL B 289 -21.02 -31.10 2.04
CA VAL B 289 -20.35 -30.34 0.98
C VAL B 289 -21.02 -28.96 0.88
N LYS B 290 -20.21 -27.90 0.95
CA LYS B 290 -20.72 -26.53 0.93
C LYS B 290 -20.51 -25.79 -0.39
N LEU B 291 -19.50 -26.19 -1.16
CA LEU B 291 -19.22 -25.57 -2.46
C LEU B 291 -19.46 -26.57 -3.60
N THR B 292 -20.17 -26.13 -4.64
CA THR B 292 -20.47 -26.98 -5.81
C THR B 292 -20.56 -26.15 -7.11
N LYS B 293 -20.86 -26.82 -8.21
CA LYS B 293 -20.99 -26.17 -9.54
C LYS B 293 -22.36 -25.56 -9.78
N ASN B 294 -22.38 -24.49 -10.59
CA ASN B 294 -23.60 -23.75 -10.94
C ASN B 294 -24.74 -24.66 -11.38
N THR B 299 -20.81 -16.34 -18.79
CA THR B 299 -20.72 -14.89 -18.66
C THR B 299 -19.26 -14.47 -18.52
N GLN B 300 -18.91 -13.26 -18.96
CA GLN B 300 -17.51 -12.78 -18.89
C GLN B 300 -17.35 -11.27 -19.13
N SER B 301 -16.57 -10.61 -18.28
CA SER B 301 -16.36 -9.16 -18.36
C SER B 301 -14.98 -8.75 -18.86
N PRO B 302 -14.79 -7.45 -19.18
CA PRO B 302 -13.47 -6.98 -19.59
C PRO B 302 -12.44 -7.23 -18.50
N GLN B 303 -11.19 -7.40 -18.90
CA GLN B 303 -10.14 -7.69 -17.94
C GLN B 303 -9.85 -6.47 -17.09
N ILE B 304 -9.43 -6.69 -15.86
CA ILE B 304 -9.20 -5.57 -14.94
C ILE B 304 -7.86 -4.88 -15.23
N SER B 305 -7.91 -3.56 -15.35
CA SER B 305 -6.72 -2.78 -15.65
C SER B 305 -5.89 -2.61 -14.39
N GLU B 306 -4.63 -2.21 -14.57
CA GLU B 306 -3.75 -1.96 -13.47
C GLU B 306 -4.35 -0.91 -12.53
N ALA B 307 -4.86 0.16 -13.12
CA ALA B 307 -5.42 1.27 -12.33
C ALA B 307 -6.65 0.84 -11.51
N ASP B 308 -7.52 0.03 -12.10
CA ASP B 308 -8.71 -0.44 -11.40
C ASP B 308 -8.35 -1.42 -10.28
N PHE B 309 -7.35 -2.25 -10.56
CA PHE B 309 -6.83 -3.21 -9.57
C PHE B 309 -6.30 -2.48 -8.36
N ARG B 310 -5.45 -1.47 -8.58
CA ARG B 310 -4.82 -0.77 -7.46
C ARG B 310 -5.86 -0.02 -6.64
N TRP B 311 -6.86 0.52 -7.30
CA TRP B 311 -7.94 1.20 -6.62
C TRP B 311 -8.71 0.26 -5.73
N LEU B 312 -9.14 -0.87 -6.29
CA LEU B 312 -9.94 -1.83 -5.50
C LEU B 312 -9.14 -2.35 -4.30
N MET B 313 -7.85 -2.62 -4.51
CA MET B 313 -7.00 -3.07 -3.40
C MET B 313 -6.89 -2.00 -2.33
N ASN B 314 -6.82 -0.73 -2.73
CA ASN B 314 -6.73 0.35 -1.77
C ASN B 314 -7.97 0.53 -0.93
N GLU B 315 -9.14 0.28 -1.54
CA GLU B 315 -10.43 0.35 -0.86
C GLU B 315 -10.59 -0.74 0.18
N ASN B 316 -9.91 -1.86 -0.01
CA ASN B 316 -9.94 -2.97 0.95
C ASN B 316 -8.76 -2.77 1.92
N ALA B 317 -9.03 -2.13 3.05
CA ALA B 317 -7.99 -1.84 4.05
C ALA B 317 -7.30 -3.11 4.51
N MET B 318 -8.09 -4.13 4.81
CA MET B 318 -7.54 -5.42 5.24
C MET B 318 -6.59 -6.01 4.19
N ALA B 319 -7.02 -6.05 2.94
CA ALA B 319 -6.23 -6.65 1.86
C ALA B 319 -4.91 -5.90 1.61
N THR B 320 -4.94 -4.57 1.58
CA THR B 320 -3.70 -3.82 1.40
C THR B 320 -2.73 -4.09 2.56
N HIS B 321 -3.26 -4.12 3.76
CA HIS B 321 -2.43 -4.39 4.92
C HIS B 321 -1.83 -5.79 4.96
N LYS B 322 -2.64 -6.80 4.71
CA LYS B 322 -2.18 -8.19 4.83
C LYS B 322 -1.27 -8.62 3.70
N LEU B 323 -1.45 -8.06 2.51
CA LEU B 323 -0.54 -8.35 1.41
C LEU B 323 0.81 -7.71 1.74
N ALA B 324 0.79 -6.45 2.19
CA ALA B 324 2.02 -5.74 2.54
C ALA B 324 2.76 -6.45 3.67
N GLU B 325 2.01 -6.81 4.71
CA GLU B 325 2.57 -7.49 5.86
C GLU B 325 3.14 -8.86 5.50
N GLY B 326 2.41 -9.62 4.68
CA GLY B 326 2.85 -10.95 4.28
C GLY B 326 4.20 -10.90 3.59
N ILE B 327 4.37 -9.92 2.72
CA ILE B 327 5.60 -9.70 2.01
C ILE B 327 6.69 -9.33 3.01
N ARG B 328 6.39 -8.44 3.95
CA ARG B 328 7.36 -8.06 4.97
C ARG B 328 7.78 -9.26 5.82
N LEU B 329 6.81 -10.07 6.25
CA LEU B 329 7.08 -11.21 7.12
C LEU B 329 7.90 -12.30 6.42
N PHE B 330 7.53 -12.65 5.19
CA PHE B 330 8.29 -13.65 4.45
C PHE B 330 9.72 -13.15 4.20
N THR B 331 9.88 -11.84 3.97
CA THR B 331 11.20 -11.25 3.78
C THR B 331 12.04 -11.38 5.04
N LYS B 332 11.42 -11.09 6.18
CA LYS B 332 12.09 -11.20 7.48
C LYS B 332 12.58 -12.65 7.68
N ASP B 333 11.75 -13.63 7.32
CA ASP B 333 12.13 -15.05 7.48
C ASP B 333 13.22 -15.49 6.49
N THR B 334 13.22 -14.90 5.31
CA THR B 334 14.21 -15.21 4.28
C THR B 334 15.55 -14.64 4.71
N ILE B 335 15.52 -13.46 5.34
CA ILE B 335 16.74 -12.85 5.87
C ILE B 335 17.26 -13.71 7.02
N GLU B 336 16.36 -14.23 7.86
CA GLU B 336 16.77 -15.06 8.97
C GLU B 336 17.41 -16.36 8.46
N LEU B 337 16.89 -16.92 7.37
CA LEU B 337 17.46 -18.13 6.78
C LEU B 337 18.88 -17.85 6.32
N GLU B 338 19.06 -16.70 5.65
CA GLU B 338 20.38 -16.31 5.20
C GLU B 338 21.32 -16.14 6.40
N ASN B 339 20.84 -15.54 7.48
CA ASN B 339 21.70 -15.36 8.66
CA ASN B 339 21.67 -15.35 8.69
C ASN B 339 22.09 -16.71 9.27
N ILE B 340 21.18 -17.68 9.25
CA ILE B 340 21.48 -19.04 9.74
C ILE B 340 22.55 -19.67 8.86
N ILE B 341 22.46 -19.40 7.56
CA ILE B 341 23.44 -19.87 6.59
C ILE B 341 24.82 -19.24 6.84
N LYS B 342 24.84 -17.93 7.13
CA LYS B 342 26.09 -17.20 7.38
C LYS B 342 26.95 -17.87 8.43
N GLN B 343 26.37 -18.05 9.62
CA GLN B 343 27.11 -18.63 10.76
C GLN B 343 27.19 -20.17 10.79
N ASN B 344 26.69 -20.81 9.75
CA ASN B 344 26.83 -22.26 9.57
C ASN B 344 27.58 -22.51 8.26
N LEU B 345 28.14 -21.43 7.71
CA LEU B 345 28.86 -21.48 6.44
C LEU B 345 30.22 -22.13 6.62
C1 F6R C . -0.72 19.44 2.33
C2 F6R C . -2.21 19.72 2.35
C3 F6R C . -2.77 19.77 3.75
C4 F6R C . -2.87 18.38 4.40
C5 F6R C . -3.23 18.54 5.87
C6 F6R C . -3.33 17.22 6.63
O1 F6R C . -0.02 20.59 1.86
O3 F6R C . -4.04 20.39 3.71
O4 F6R C . -3.84 17.56 3.73
O5 F6R C . -2.24 19.38 6.47
O6 F6R C . -3.64 17.51 8.00
P F6R C . -4.36 16.40 8.90
O1P F6R C . -5.59 16.03 8.10
O2P F6R C . -4.62 17.09 10.20
O3P F6R C . -3.38 15.27 9.06
C1 F6R D . -0.26 -21.03 -0.19
C2 F6R D . 1.09 -21.30 0.48
C3 F6R D . 0.89 -21.56 1.96
C4 F6R D . 0.66 -20.27 2.76
C5 F6R D . 0.12 -20.61 4.15
C6 F6R D . -0.22 -19.37 4.96
O1 F6R D . -0.53 -22.04 -1.18
O3 F6R D . 2.06 -22.24 2.43
O4 F6R D . 1.87 -19.51 2.89
O5 F6R D . -1.04 -21.44 4.03
O6 F6R D . -0.55 -19.76 6.30
P F6R D . -0.31 -18.80 7.57
O1P F6R D . 1.15 -18.47 7.58
O2P F6R D . -0.74 -19.67 8.74
O3P F6R D . -1.27 -17.64 7.37
#